data_2QYH
#
_entry.id   2QYH
#
_cell.length_a   113.987
_cell.length_b   113.910
_cell.length_c   182.174
_cell.angle_alpha   90.00
_cell.angle_beta   90.00
_cell.angle_gamma   90.00
#
_symmetry.space_group_name_H-M   'P 21 21 21'
#
loop_
_entity.id
_entity.type
_entity.pdbx_description
1 polymer 'Hypothetical conserved protein, GK1056'
2 non-polymer GLYCEROL
3 water water
#
_entity_poly.entity_id   1
_entity_poly.type   'polypeptide(L)'
_entity_poly.pdbx_seq_one_letter_code
;(MSE)GRKIVFFDIDGTLLDEQKQLPLSTIEAVRRLKQSGVYVAIATGRAPF(MSE)FEHVRKQLGIDSFVSFNGQYVVF
EGNVLYKQPLRREKVRALTEEAHKNGHPLVF(MSE)DAEK(MSE)RASIGDHPHIHVS(MSE)ASLKFAHPPVDPLYYEN
KDIYQALLFCRAEEEEPYVRNYPEFRFVRWHDVSTDVLPAGGSKAEGIR(MSE)(MSE)IEKLGIDKKDVYAFGDGLNDI
E(MSE)LSFVGTGVA(MSE)GNAHEEVKRVADFVTKPVDKEGIWYGLKQLQLIR
;
_entity_poly.pdbx_strand_id   A,B,C,D
#
loop_
_chem_comp.id
_chem_comp.type
_chem_comp.name
_chem_comp.formula
GOL non-polymer GLYCEROL 'C3 H8 O3'
#
# COMPACT_ATOMS: atom_id res chain seq x y z
N GLY A 2 0.62 13.57 30.44
CA GLY A 2 1.68 13.22 29.45
C GLY A 2 1.60 14.06 28.20
N ARG A 3 2.76 14.53 27.73
CA ARG A 3 2.81 15.36 26.53
C ARG A 3 2.43 14.57 25.28
N LYS A 4 1.90 15.27 24.29
CA LYS A 4 1.51 14.65 23.04
C LYS A 4 2.41 15.14 21.91
N ILE A 5 2.66 14.27 20.94
CA ILE A 5 3.50 14.62 19.80
C ILE A 5 2.87 14.13 18.51
N VAL A 6 3.01 14.93 17.46
CA VAL A 6 2.48 14.58 16.15
C VAL A 6 3.59 14.54 15.11
N PHE A 7 3.68 13.43 14.38
CA PHE A 7 4.67 13.25 13.33
C PHE A 7 3.97 13.38 11.97
N PHE A 8 4.55 14.16 11.08
CA PHE A 8 4.00 14.35 9.75
C PHE A 8 4.99 13.85 8.70
N ASP A 9 4.48 13.31 7.59
CA ASP A 9 5.36 12.90 6.51
C ASP A 9 5.17 14.09 5.56
N ILE A 10 5.96 14.19 4.51
CA ILE A 10 5.84 15.32 3.60
C ILE A 10 4.83 15.15 2.47
N ASP A 11 5.17 14.33 1.47
CA ASP A 11 4.32 14.11 0.31
C ASP A 11 2.86 13.77 0.57
N GLY A 12 1.97 14.61 0.05
CA GLY A 12 0.55 14.40 0.19
C GLY A 12 0.04 14.65 1.60
N THR A 13 0.95 15.01 2.50
CA THR A 13 0.59 15.25 3.88
C THR A 13 0.76 16.73 4.22
N LEU A 14 2.02 17.17 4.36
CA LEU A 14 2.28 18.58 4.64
C LEU A 14 2.17 19.38 3.36
N LEU A 15 2.74 18.85 2.28
CA LEU A 15 2.69 19.51 0.97
C LEU A 15 1.59 18.91 0.11
N ASP A 16 0.91 19.77 -0.64
CA ASP A 16 -0.17 19.31 -1.52
C ASP A 16 0.47 18.72 -2.79
N GLU A 17 -0.33 18.44 -3.80
CA GLU A 17 0.22 17.86 -5.02
C GLU A 17 1.04 18.82 -5.89
N GLN A 18 1.04 20.11 -5.56
CA GLN A 18 1.82 21.08 -6.31
C GLN A 18 3.14 21.31 -5.55
N LYS A 19 3.30 20.58 -4.45
CA LYS A 19 4.48 20.69 -3.61
C LYS A 19 4.45 21.98 -2.79
N GLN A 20 3.27 22.57 -2.67
CA GLN A 20 3.10 23.79 -1.89
C GLN A 20 2.56 23.51 -0.49
N LEU A 21 2.85 24.41 0.43
CA LEU A 21 2.42 24.28 1.82
C LEU A 21 1.10 25.05 2.01
N PRO A 22 0.02 24.36 2.38
CA PRO A 22 -1.28 25.01 2.59
C PRO A 22 -1.32 26.01 3.75
N LEU A 23 -2.10 27.06 3.58
CA LEU A 23 -2.24 28.07 4.63
C LEU A 23 -2.79 27.43 5.90
N SER A 24 -3.80 26.58 5.76
CA SER A 24 -4.40 25.92 6.91
C SER A 24 -3.43 25.02 7.68
N THR A 25 -2.42 24.49 6.98
CA THR A 25 -1.45 23.62 7.64
C THR A 25 -0.57 24.47 8.56
N ILE A 26 -0.18 25.64 8.07
CA ILE A 26 0.64 26.55 8.86
C ILE A 26 -0.14 26.89 10.13
N GLU A 27 -1.45 27.11 9.99
CA GLU A 27 -2.32 27.42 11.12
C GLU A 27 -2.35 26.24 12.08
N ALA A 28 -2.57 25.05 11.53
CA ALA A 28 -2.61 23.83 12.33
C ALA A 28 -1.36 23.68 13.18
N VAL A 29 -0.21 23.78 12.55
CA VAL A 29 1.06 23.66 13.26
C VAL A 29 1.15 24.75 14.33
N ARG A 30 0.67 25.95 14.00
CA ARG A 30 0.68 27.06 14.94
C ARG A 30 -0.10 26.72 16.20
N ARG A 31 -1.38 26.43 16.03
CA ARG A 31 -2.26 26.08 17.14
C ARG A 31 -1.68 24.92 17.92
N LEU A 32 -1.17 23.94 17.18
CA LEU A 32 -0.58 22.75 17.76
C LEU A 32 0.56 23.11 18.73
N LYS A 33 1.39 24.07 18.33
CA LYS A 33 2.51 24.48 19.18
C LYS A 33 2.12 25.25 20.41
N GLN A 34 1.13 26.13 20.30
CA GLN A 34 0.69 26.91 21.47
C GLN A 34 -0.08 26.03 22.44
N SER A 35 -0.58 24.90 21.96
CA SER A 35 -1.32 23.97 22.80
C SER A 35 -0.34 23.04 23.52
N GLY A 36 0.95 23.26 23.28
CA GLY A 36 1.95 22.43 23.91
C GLY A 36 2.19 21.07 23.27
N VAL A 37 1.63 20.85 22.09
CA VAL A 37 1.82 19.58 21.39
C VAL A 37 3.10 19.61 20.55
N TYR A 38 4.01 18.68 20.81
CA TYR A 38 5.27 18.63 20.08
C TYR A 38 5.01 18.28 18.61
N VAL A 39 5.71 18.97 17.70
CA VAL A 39 5.55 18.73 16.27
C VAL A 39 6.86 18.27 15.63
N ALA A 40 6.78 17.19 14.85
CA ALA A 40 7.95 16.67 14.19
C ALA A 40 7.61 16.01 12.85
N ILE A 41 8.64 15.63 12.12
CA ILE A 41 8.47 14.99 10.82
C ILE A 41 9.10 13.60 10.83
N ALA A 42 8.49 12.70 10.06
CA ALA A 42 8.99 11.34 9.91
C ALA A 42 8.80 11.08 8.43
N THR A 43 9.91 10.87 7.72
CA THR A 43 9.83 10.67 6.29
C THR A 43 10.96 9.80 5.76
N GLY A 44 10.79 9.36 4.51
CA GLY A 44 11.81 8.54 3.87
C GLY A 44 12.82 9.47 3.22
N ARG A 45 12.41 10.71 2.99
CA ARG A 45 13.27 11.71 2.36
C ARG A 45 14.54 11.95 3.14
N ALA A 46 15.55 12.43 2.42
CA ALA A 46 16.84 12.75 2.99
C ALA A 46 16.67 14.13 3.60
N PRO A 47 17.40 14.42 4.69
CA PRO A 47 17.28 15.75 5.33
C PRO A 47 17.33 16.93 4.36
N PHE A 48 18.36 17.00 3.53
CA PHE A 48 18.46 18.13 2.61
C PHE A 48 17.34 18.26 1.60
N MSE A 49 16.48 17.23 1.51
CA MSE A 49 15.37 17.25 0.56
C MSE A 49 14.10 17.91 1.08
O MSE A 49 13.18 18.15 0.29
CB MSE A 49 15.09 15.83 0.08
CG MSE A 49 16.18 15.27 -0.81
SE MSE A 49 16.32 16.15 -2.54
CE MSE A 49 16.98 17.89 -2.04
N PHE A 50 14.04 18.20 2.37
CA PHE A 50 12.86 18.85 2.93
C PHE A 50 13.25 19.93 3.95
N GLU A 51 14.45 20.49 3.76
CA GLU A 51 14.97 21.55 4.61
C GLU A 51 14.07 22.77 4.46
N HIS A 52 13.53 22.98 3.26
CA HIS A 52 12.65 24.12 3.07
C HIS A 52 11.39 24.00 3.92
N VAL A 53 10.81 22.80 3.97
CA VAL A 53 9.60 22.60 4.76
C VAL A 53 9.89 22.83 6.24
N ARG A 54 11.04 22.35 6.69
CA ARG A 54 11.46 22.50 8.06
C ARG A 54 11.62 23.98 8.41
N LYS A 55 12.24 24.72 7.52
CA LYS A 55 12.48 26.14 7.73
C LYS A 55 11.15 26.90 7.76
N GLN A 56 10.23 26.50 6.89
CA GLN A 56 8.93 27.13 6.81
C GLN A 56 8.06 26.94 8.05
N LEU A 57 8.06 25.73 8.58
CA LEU A 57 7.24 25.40 9.75
C LEU A 57 8.01 25.49 11.05
N GLY A 58 9.31 25.69 10.97
CA GLY A 58 10.10 25.77 12.18
C GLY A 58 10.07 24.46 12.93
N ILE A 59 10.46 23.39 12.24
CA ILE A 59 10.49 22.05 12.82
C ILE A 59 11.94 21.61 12.77
N ASP A 60 12.54 21.36 13.93
CA ASP A 60 13.94 20.93 13.98
C ASP A 60 14.13 19.55 14.61
N SER A 61 13.06 18.75 14.60
CA SER A 61 13.11 17.39 15.13
C SER A 61 12.45 16.52 14.07
N PHE A 62 13.16 15.48 13.63
CA PHE A 62 12.62 14.65 12.57
C PHE A 62 13.25 13.30 12.40
N VAL A 63 12.49 12.40 11.79
CA VAL A 63 12.98 11.07 11.48
C VAL A 63 13.10 11.08 9.95
N SER A 64 14.33 10.98 9.46
CA SER A 64 14.57 10.99 8.01
C SER A 64 15.23 9.69 7.58
N PHE A 65 15.29 9.49 6.26
CA PHE A 65 15.87 8.26 5.70
C PHE A 65 15.19 7.05 6.31
N ASN A 66 13.87 7.14 6.47
CA ASN A 66 13.05 6.10 7.07
C ASN A 66 13.57 5.60 8.41
N GLY A 67 14.08 6.50 9.23
CA GLY A 67 14.58 6.12 10.53
C GLY A 67 16.09 5.94 10.62
N GLN A 68 16.78 6.01 9.50
CA GLN A 68 18.23 5.83 9.52
C GLN A 68 18.99 7.08 9.96
N TYR A 69 18.26 8.19 10.09
CA TYR A 69 18.87 9.45 10.51
C TYR A 69 17.81 10.22 11.30
N VAL A 70 17.99 10.29 12.61
CA VAL A 70 17.03 10.98 13.47
C VAL A 70 17.65 12.16 14.18
N VAL A 71 16.98 13.30 14.07
CA VAL A 71 17.48 14.52 14.67
C VAL A 71 16.54 15.08 15.71
N PHE A 72 17.06 15.33 16.91
CA PHE A 72 16.27 15.89 17.98
C PHE A 72 16.71 17.32 18.28
N GLU A 73 15.79 18.24 18.04
CA GLU A 73 16.04 19.66 18.26
C GLU A 73 17.40 20.15 17.78
N GLY A 74 17.70 19.89 16.50
CA GLY A 74 18.95 20.34 15.93
C GLY A 74 20.15 19.42 16.11
N ASN A 75 20.01 18.36 16.89
CA ASN A 75 21.12 17.44 17.11
C ASN A 75 20.84 16.03 16.61
N VAL A 76 21.89 15.33 16.23
CA VAL A 76 21.72 13.98 15.75
C VAL A 76 21.48 13.06 16.92
N LEU A 77 20.29 12.47 16.96
CA LEU A 77 19.94 11.55 18.03
C LEU A 77 20.40 10.15 17.67
N TYR A 78 20.18 9.77 16.42
CA TYR A 78 20.57 8.45 15.95
C TYR A 78 20.92 8.46 14.48
N LYS A 79 21.90 7.66 14.10
CA LYS A 79 22.31 7.58 12.71
C LYS A 79 22.87 6.19 12.37
N GLN A 80 22.34 5.59 11.31
CA GLN A 80 22.79 4.28 10.86
C GLN A 80 23.00 4.29 9.35
N PRO A 81 24.21 4.64 8.91
CA PRO A 81 24.52 4.68 7.48
C PRO A 81 24.79 3.27 6.96
N LEU A 82 24.76 3.11 5.64
CA LEU A 82 25.02 1.82 5.00
C LEU A 82 26.45 1.43 5.30
N ARG A 83 26.75 0.13 5.29
CA ARG A 83 28.11 -0.31 5.55
C ARG A 83 29.04 0.11 4.40
N ARG A 84 30.14 0.78 4.75
CA ARG A 84 31.11 1.25 3.77
C ARG A 84 31.45 0.14 2.77
N GLU A 85 31.86 -1.01 3.30
CA GLU A 85 32.22 -2.17 2.50
C GLU A 85 31.18 -2.43 1.41
N LYS A 86 29.92 -2.53 1.82
CA LYS A 86 28.85 -2.80 0.88
C LYS A 86 28.62 -1.70 -0.16
N VAL A 87 28.74 -0.44 0.24
CA VAL A 87 28.54 0.64 -0.71
C VAL A 87 29.63 0.53 -1.76
N ARG A 88 30.85 0.23 -1.32
CA ARG A 88 31.96 0.09 -2.26
C ARG A 88 31.68 -1.00 -3.28
N ALA A 89 31.36 -2.19 -2.78
CA ALA A 89 31.06 -3.33 -3.63
C ALA A 89 29.99 -3.00 -4.66
N LEU A 90 28.95 -2.30 -4.22
CA LEU A 90 27.88 -1.93 -5.12
C LEU A 90 28.40 -0.97 -6.17
N THR A 91 29.21 -0.02 -5.74
CA THR A 91 29.77 0.96 -6.66
C THR A 91 30.57 0.23 -7.74
N GLU A 92 31.52 -0.58 -7.31
CA GLU A 92 32.35 -1.32 -8.23
C GLU A 92 31.54 -2.22 -9.14
N GLU A 93 30.53 -2.89 -8.58
CA GLU A 93 29.72 -3.76 -9.42
C GLU A 93 28.92 -2.95 -10.42
N ALA A 94 28.35 -1.84 -9.96
CA ALA A 94 27.56 -0.98 -10.83
C ALA A 94 28.47 -0.41 -11.93
N HIS A 95 29.69 -0.05 -11.55
CA HIS A 95 30.66 0.48 -12.50
C HIS A 95 30.90 -0.55 -13.60
N LYS A 96 31.23 -1.77 -13.20
CA LYS A 96 31.48 -2.85 -14.14
C LYS A 96 30.36 -2.94 -15.18
N ASN A 97 29.12 -2.71 -14.76
CA ASN A 97 27.98 -2.79 -15.66
C ASN A 97 27.66 -1.49 -16.38
N GLY A 98 28.40 -0.42 -16.05
CA GLY A 98 28.14 0.86 -16.68
C GLY A 98 26.91 1.54 -16.13
N HIS A 99 26.45 1.07 -14.97
CA HIS A 99 25.32 1.67 -14.31
C HIS A 99 25.78 2.72 -13.30
N PRO A 100 25.30 3.94 -13.43
CA PRO A 100 25.74 4.96 -12.46
C PRO A 100 25.02 4.85 -11.12
N LEU A 101 25.60 5.48 -10.10
CA LEU A 101 25.01 5.52 -8.76
C LEU A 101 25.05 6.96 -8.28
N VAL A 102 24.19 7.29 -7.34
CA VAL A 102 24.18 8.60 -6.73
C VAL A 102 24.22 8.32 -5.24
N PHE A 103 25.18 8.91 -4.55
CA PHE A 103 25.32 8.70 -3.10
C PHE A 103 24.65 9.82 -2.36
N MSE A 104 23.87 9.48 -1.33
CA MSE A 104 23.17 10.46 -0.52
C MSE A 104 23.59 10.41 0.94
O MSE A 104 23.48 9.36 1.58
CB MSE A 104 21.67 10.24 -0.53
CG MSE A 104 20.99 10.40 -1.86
SE MSE A 104 19.09 10.12 -1.64
CE MSE A 104 18.50 11.96 -1.75
N ASP A 105 24.09 11.52 1.47
CA ASP A 105 24.41 11.55 2.89
C ASP A 105 23.39 12.52 3.48
N ALA A 106 23.60 13.01 4.68
CA ALA A 106 22.60 13.89 5.26
C ALA A 106 22.56 15.30 4.68
N GLU A 107 23.58 15.70 3.94
CA GLU A 107 23.60 17.06 3.40
C GLU A 107 23.47 17.23 1.90
N LYS A 108 23.90 16.22 1.14
CA LYS A 108 23.85 16.34 -0.32
C LYS A 108 23.99 15.01 -1.01
N MSE A 109 24.01 15.05 -2.33
CA MSE A 109 24.17 13.82 -3.10
C MSE A 109 25.19 14.02 -4.21
O MSE A 109 25.44 15.14 -4.66
CB MSE A 109 22.81 13.36 -3.65
CG MSE A 109 22.07 14.37 -4.49
SE MSE A 109 20.27 13.79 -4.92
CE MSE A 109 19.42 15.52 -4.99
N ARG A 110 25.81 12.91 -4.61
CA ARG A 110 26.85 12.95 -5.64
C ARG A 110 26.73 11.76 -6.57
N ALA A 111 27.04 11.98 -7.85
CA ALA A 111 26.98 10.93 -8.86
C ALA A 111 28.35 10.29 -9.09
N SER A 112 28.35 9.01 -9.44
CA SER A 112 29.59 8.28 -9.72
C SER A 112 29.99 8.51 -11.18
N ILE A 113 29.04 9.02 -11.97
CA ILE A 113 29.27 9.32 -13.38
C ILE A 113 28.59 10.64 -13.74
N GLY A 114 29.33 11.55 -14.36
CA GLY A 114 28.73 12.81 -14.75
C GLY A 114 28.01 12.80 -16.10
N ASP A 115 27.13 13.78 -16.30
CA ASP A 115 26.40 13.92 -17.55
C ASP A 115 25.89 12.58 -18.10
N HIS A 116 25.18 11.81 -17.27
CA HIS A 116 24.63 10.51 -17.69
C HIS A 116 23.13 10.64 -17.99
N PRO A 117 22.68 10.17 -19.18
CA PRO A 117 21.29 10.22 -19.64
C PRO A 117 20.26 9.74 -18.65
N HIS A 118 20.50 8.63 -17.98
CA HIS A 118 19.50 8.14 -17.03
C HIS A 118 19.35 9.04 -15.83
N ILE A 119 20.47 9.58 -15.35
CA ILE A 119 20.41 10.50 -14.24
C ILE A 119 19.68 11.77 -14.66
N HIS A 120 20.02 12.33 -15.83
CA HIS A 120 19.36 13.54 -16.28
C HIS A 120 17.85 13.40 -16.25
N VAL A 121 17.34 12.50 -17.08
CA VAL A 121 15.91 12.25 -17.21
C VAL A 121 15.17 11.97 -15.91
N SER A 122 15.62 10.97 -15.15
CA SER A 122 14.92 10.64 -13.91
C SER A 122 15.00 11.77 -12.90
N MSE A 123 16.18 12.32 -12.68
CA MSE A 123 16.35 13.42 -11.73
C MSE A 123 15.52 14.64 -12.15
O MSE A 123 15.03 15.38 -11.30
CB MSE A 123 17.81 13.82 -11.60
CG MSE A 123 18.71 12.76 -10.97
SE MSE A 123 18.03 12.16 -9.25
CE MSE A 123 18.40 13.73 -8.22
N ALA A 124 15.39 14.84 -13.44
CA ALA A 124 14.64 15.98 -13.94
C ALA A 124 13.16 15.76 -13.66
N SER A 125 12.75 14.49 -13.58
CA SER A 125 11.35 14.17 -13.32
C SER A 125 11.03 14.60 -11.90
N LEU A 126 12.08 14.67 -11.08
CA LEU A 126 11.98 15.09 -9.69
C LEU A 126 12.18 16.60 -9.64
N LYS A 127 12.47 17.20 -10.79
CA LYS A 127 12.71 18.64 -10.89
C LYS A 127 14.08 18.97 -10.27
N PHE A 128 15.02 18.05 -10.41
CA PHE A 128 16.38 18.25 -9.91
C PHE A 128 17.42 18.14 -11.01
N ALA A 129 18.48 18.92 -10.89
CA ALA A 129 19.54 18.90 -11.87
C ALA A 129 20.42 17.67 -11.61
N HIS A 130 21.27 17.34 -12.57
CA HIS A 130 22.16 16.20 -12.42
C HIS A 130 23.11 16.51 -11.25
N PRO A 131 23.17 15.60 -10.27
CA PRO A 131 24.08 15.89 -9.15
C PRO A 131 25.55 16.04 -9.55
N PRO A 132 26.31 16.83 -8.78
CA PRO A 132 27.73 16.99 -9.12
C PRO A 132 28.39 15.63 -9.09
N VAL A 133 29.42 15.44 -9.91
CA VAL A 133 30.10 14.15 -9.95
C VAL A 133 31.19 13.99 -8.88
N ASP A 134 31.24 12.81 -8.26
CA ASP A 134 32.22 12.49 -7.24
C ASP A 134 32.18 10.98 -7.00
N PRO A 135 32.85 10.21 -7.87
CA PRO A 135 32.90 8.75 -7.80
C PRO A 135 33.35 8.13 -6.47
N LEU A 136 34.11 8.87 -5.69
CA LEU A 136 34.60 8.33 -4.42
C LEU A 136 34.02 9.05 -3.23
N TYR A 137 32.87 9.68 -3.43
CA TYR A 137 32.22 10.42 -2.37
C TYR A 137 31.94 9.56 -1.13
N TYR A 138 31.62 8.29 -1.35
CA TYR A 138 31.30 7.38 -0.27
C TYR A 138 32.46 7.01 0.65
N GLU A 139 33.69 7.24 0.19
CA GLU A 139 34.88 6.89 0.96
C GLU A 139 35.00 7.50 2.36
N ASN A 140 34.73 8.80 2.49
CA ASN A 140 34.84 9.44 3.79
C ASN A 140 33.56 10.14 4.17
N LYS A 141 32.44 9.52 3.83
CA LYS A 141 31.13 10.07 4.12
C LYS A 141 30.14 9.00 4.57
N ASP A 142 29.13 9.42 5.32
CA ASP A 142 28.10 8.51 5.78
C ASP A 142 27.01 8.45 4.72
N ILE A 143 27.03 7.41 3.91
CA ILE A 143 26.05 7.26 2.85
C ILE A 143 24.86 6.50 3.39
N TYR A 144 23.73 7.18 3.48
CA TYR A 144 22.50 6.57 4.00
C TYR A 144 21.68 5.91 2.92
N GLN A 145 21.85 6.36 1.68
CA GLN A 145 21.07 5.82 0.59
C GLN A 145 21.78 6.00 -0.74
N ALA A 146 21.36 5.23 -1.73
CA ALA A 146 21.95 5.33 -3.06
C ALA A 146 20.86 5.19 -4.09
N LEU A 147 21.12 5.71 -5.29
CA LEU A 147 20.19 5.61 -6.38
C LEU A 147 20.96 4.83 -7.42
N LEU A 148 20.37 3.75 -7.89
CA LEU A 148 20.99 2.90 -8.90
C LEU A 148 20.25 3.23 -10.18
N PHE A 149 20.99 3.68 -11.20
CA PHE A 149 20.36 4.05 -12.44
C PHE A 149 20.47 2.96 -13.49
N CYS A 150 19.44 2.13 -13.55
CA CYS A 150 19.38 1.02 -14.50
C CYS A 150 17.91 0.65 -14.65
N ARG A 151 17.61 -0.10 -15.70
CA ARG A 151 16.25 -0.52 -15.97
C ARG A 151 15.91 -1.74 -15.11
N ALA A 152 14.61 -1.96 -14.93
CA ALA A 152 14.13 -3.09 -14.14
C ALA A 152 14.69 -4.41 -14.68
N GLU A 153 14.74 -4.54 -16.00
CA GLU A 153 15.25 -5.76 -16.61
C GLU A 153 16.73 -5.99 -16.29
N GLU A 154 17.36 -5.02 -15.62
CA GLU A 154 18.78 -5.16 -15.27
C GLU A 154 19.08 -5.31 -13.79
N GLU A 155 18.12 -5.01 -12.92
CA GLU A 155 18.33 -5.08 -11.46
C GLU A 155 18.59 -6.45 -10.84
N GLU A 156 18.08 -7.50 -11.46
CA GLU A 156 18.24 -8.88 -10.97
C GLU A 156 19.53 -9.15 -10.21
N PRO A 157 20.69 -9.00 -10.88
CA PRO A 157 21.97 -9.26 -10.20
C PRO A 157 22.20 -8.46 -8.93
N TYR A 158 21.83 -7.18 -8.97
CA TYR A 158 22.01 -6.29 -7.83
C TYR A 158 21.18 -6.78 -6.65
N VAL A 159 19.91 -7.02 -6.92
CA VAL A 159 19.00 -7.50 -5.89
C VAL A 159 19.60 -8.78 -5.30
N ARG A 160 19.98 -9.69 -6.19
CA ARG A 160 20.57 -10.97 -5.83
C ARG A 160 21.85 -10.87 -4.98
N ASN A 161 22.77 -9.99 -5.36
CA ASN A 161 24.05 -9.88 -4.63
C ASN A 161 24.05 -8.98 -3.40
N TYR A 162 22.95 -8.30 -3.16
CA TYR A 162 22.87 -7.41 -2.02
C TYR A 162 21.59 -7.59 -1.22
N PRO A 163 21.44 -8.77 -0.58
CA PRO A 163 20.25 -9.09 0.21
C PRO A 163 20.10 -8.15 1.41
N GLU A 164 21.21 -7.55 1.83
CA GLU A 164 21.20 -6.60 2.94
C GLU A 164 20.65 -5.25 2.47
N PHE A 165 20.33 -5.17 1.18
CA PHE A 165 19.77 -3.95 0.62
C PHE A 165 18.36 -4.23 0.08
N ARG A 166 17.57 -3.17 -0.07
CA ARG A 166 16.24 -3.28 -0.61
C ARG A 166 16.13 -2.32 -1.78
N PHE A 167 15.52 -2.76 -2.87
CA PHE A 167 15.40 -1.88 -4.04
C PHE A 167 13.97 -1.51 -4.33
N VAL A 168 13.70 -0.21 -4.40
CA VAL A 168 12.36 0.27 -4.69
C VAL A 168 12.39 1.23 -5.88
N ARG A 169 11.97 0.74 -7.03
CA ARG A 169 11.99 1.55 -8.25
C ARG A 169 11.00 2.71 -8.21
N TRP A 170 11.48 3.87 -8.65
CA TRP A 170 10.65 5.07 -8.68
C TRP A 170 10.65 5.70 -10.07
N HIS A 171 11.34 5.08 -11.00
CA HIS A 171 11.42 5.61 -12.36
C HIS A 171 11.92 4.51 -13.28
N ASP A 172 11.61 4.63 -14.56
CA ASP A 172 12.05 3.64 -15.55
C ASP A 172 13.52 3.35 -15.45
N VAL A 173 14.33 4.39 -15.31
CA VAL A 173 15.76 4.19 -15.23
C VAL A 173 16.43 4.46 -13.90
N SER A 174 15.67 4.39 -12.81
CA SER A 174 16.28 4.64 -11.50
C SER A 174 15.50 3.97 -10.38
N THR A 175 16.24 3.46 -9.41
CA THR A 175 15.65 2.78 -8.27
C THR A 175 16.39 3.15 -6.99
N ASP A 176 15.65 3.24 -5.88
CA ASP A 176 16.26 3.57 -4.61
C ASP A 176 16.93 2.33 -4.01
N VAL A 177 18.11 2.53 -3.46
CA VAL A 177 18.86 1.46 -2.83
C VAL A 177 18.83 1.74 -1.34
N LEU A 178 17.97 1.02 -0.63
CA LEU A 178 17.78 1.20 0.81
C LEU A 178 18.32 0.11 1.70
N PRO A 179 18.57 0.44 2.97
CA PRO A 179 19.08 -0.57 3.91
C PRO A 179 17.91 -1.46 4.34
N ALA A 180 18.16 -2.75 4.52
CA ALA A 180 17.10 -3.69 4.90
C ALA A 180 16.53 -3.38 6.29
N GLY A 181 17.40 -3.11 7.25
CA GLY A 181 16.92 -2.81 8.59
C GLY A 181 16.52 -1.35 8.76
N GLY A 182 15.79 -1.05 9.82
CA GLY A 182 15.38 0.31 10.08
C GLY A 182 13.96 0.59 9.66
N SER A 183 13.36 1.62 10.26
CA SER A 183 11.99 2.01 9.97
C SER A 183 11.64 3.34 10.64
N LYS A 184 10.59 3.98 10.17
CA LYS A 184 10.16 5.24 10.76
C LYS A 184 9.65 5.00 12.18
N ALA A 185 8.99 3.86 12.39
CA ALA A 185 8.46 3.52 13.71
C ALA A 185 9.60 3.38 14.71
N GLU A 186 10.70 2.78 14.27
CA GLU A 186 11.85 2.62 15.13
C GLU A 186 12.44 4.01 15.39
N GLY A 187 12.31 4.89 14.41
CA GLY A 187 12.82 6.24 14.55
C GLY A 187 11.95 7.00 15.54
N ILE A 188 10.63 6.84 15.40
CA ILE A 188 9.68 7.49 16.30
C ILE A 188 9.83 6.94 17.72
N ARG A 189 9.98 5.62 17.82
CA ARG A 189 10.15 4.97 19.11
C ARG A 189 11.32 5.66 19.83
N MSE A 190 12.43 5.83 19.12
CA MSE A 190 13.61 6.46 19.70
C MSE A 190 13.42 7.88 20.20
O MSE A 190 14.00 8.28 21.20
CB MSE A 190 14.75 6.45 18.69
CG MSE A 190 15.23 5.08 18.34
SE MSE A 190 16.87 5.21 17.38
CE MSE A 190 17.22 3.34 17.10
N MSE A 191 12.60 8.65 19.49
CA MSE A 191 12.40 10.03 19.89
C MSE A 191 11.47 10.20 21.07
O MSE A 191 11.74 11.00 21.96
CB MSE A 191 11.89 10.85 18.71
CG MSE A 191 11.85 12.32 19.03
SE MSE A 191 11.77 13.36 17.46
CE MSE A 191 13.65 13.32 17.01
N ILE A 192 10.38 9.45 21.09
CA ILE A 192 9.44 9.55 22.20
C ILE A 192 10.11 9.09 23.48
N GLU A 193 11.07 8.19 23.37
CA GLU A 193 11.78 7.72 24.54
C GLU A 193 12.57 8.88 25.13
N LYS A 194 13.27 9.60 24.26
CA LYS A 194 14.09 10.75 24.64
C LYS A 194 13.20 11.88 25.15
N LEU A 195 11.98 11.93 24.64
CA LEU A 195 11.02 12.97 25.01
C LEU A 195 10.20 12.59 26.24
N GLY A 196 10.24 11.30 26.59
CA GLY A 196 9.47 10.82 27.72
C GLY A 196 8.01 10.67 27.38
N ILE A 197 7.72 10.45 26.10
CA ILE A 197 6.35 10.29 25.65
C ILE A 197 6.01 8.81 25.42
N ASP A 198 4.71 8.49 25.48
CA ASP A 198 4.24 7.12 25.31
C ASP A 198 3.48 6.91 24.01
N LYS A 199 3.65 5.74 23.39
CA LYS A 199 2.96 5.39 22.14
C LYS A 199 1.56 5.95 22.04
N LYS A 200 0.78 5.78 23.10
CA LYS A 200 -0.61 6.25 23.13
C LYS A 200 -0.76 7.73 22.84
N ASP A 201 0.23 8.52 23.23
CA ASP A 201 0.18 9.97 23.02
C ASP A 201 0.80 10.43 21.71
N VAL A 202 1.15 9.49 20.83
CA VAL A 202 1.74 9.83 19.55
C VAL A 202 0.73 9.74 18.41
N TYR A 203 0.78 10.73 17.52
CA TYR A 203 -0.10 10.80 16.36
C TYR A 203 0.79 10.84 15.12
N ALA A 204 0.24 10.46 13.96
CA ALA A 204 1.01 10.50 12.73
C ALA A 204 0.13 10.61 11.50
N PHE A 205 0.53 11.45 10.56
CA PHE A 205 -0.20 11.64 9.33
C PHE A 205 0.70 11.15 8.20
N GLY A 206 0.11 10.35 7.30
CA GLY A 206 0.87 9.82 6.20
C GLY A 206 -0.01 9.66 4.99
N ASP A 207 0.61 9.42 3.84
CA ASP A 207 -0.14 9.29 2.61
C ASP A 207 0.22 8.08 1.76
N GLY A 208 1.46 7.62 1.87
CA GLY A 208 1.87 6.49 1.04
C GLY A 208 2.08 5.14 1.69
N LEU A 209 2.21 4.13 0.83
CA LEU A 209 2.43 2.75 1.28
C LEU A 209 3.53 2.71 2.32
N ASN A 210 4.52 3.57 2.14
CA ASN A 210 5.67 3.66 3.04
C ASN A 210 5.34 4.14 4.45
N ASP A 211 4.13 4.71 4.64
CA ASP A 211 3.72 5.20 5.95
C ASP A 211 2.94 4.20 6.79
N ILE A 212 2.64 3.03 6.22
CA ILE A 212 1.88 2.01 6.93
C ILE A 212 2.54 1.62 8.25
N GLU A 213 3.79 1.21 8.20
CA GLU A 213 4.53 0.81 9.41
C GLU A 213 4.36 1.87 10.50
N MSE A 214 4.46 3.14 10.12
CA MSE A 214 4.33 4.26 11.04
C MSE A 214 2.93 4.41 11.58
O MSE A 214 2.72 4.38 12.80
CB MSE A 214 4.75 5.55 10.34
CG MSE A 214 4.61 6.79 11.21
SE MSE A 214 5.16 8.43 10.32
CE MSE A 214 3.53 8.83 9.35
N LEU A 215 1.97 4.58 10.69
CA LEU A 215 0.57 4.73 11.08
C LEU A 215 0.13 3.56 11.97
N SER A 216 0.78 2.41 11.80
CA SER A 216 0.45 1.22 12.58
C SER A 216 1.01 1.24 13.99
N PHE A 217 2.24 1.75 14.10
CA PHE A 217 2.93 1.81 15.39
C PHE A 217 2.46 2.89 16.36
N VAL A 218 2.13 4.08 15.87
CA VAL A 218 1.70 5.15 16.76
C VAL A 218 0.32 4.89 17.35
N GLY A 219 0.01 5.56 18.44
CA GLY A 219 -1.29 5.40 19.07
C GLY A 219 -2.42 5.84 18.17
N THR A 220 -2.20 6.88 17.37
CA THR A 220 -3.24 7.37 16.48
C THR A 220 -2.67 7.69 15.11
N GLY A 221 -2.86 6.77 14.17
CA GLY A 221 -2.37 6.98 12.82
C GLY A 221 -3.47 7.59 11.98
N VAL A 222 -3.11 8.63 11.23
CA VAL A 222 -4.08 9.30 10.38
C VAL A 222 -3.68 9.18 8.92
N ALA A 223 -4.61 8.71 8.10
CA ALA A 223 -4.35 8.56 6.68
C ALA A 223 -5.01 9.74 5.97
N MSE A 224 -4.38 10.21 4.90
CA MSE A 224 -4.93 11.34 4.14
C MSE A 224 -6.08 10.87 3.24
O MSE A 224 -6.14 9.70 2.86
CB MSE A 224 -3.84 12.00 3.30
CG MSE A 224 -2.66 12.56 4.11
SE MSE A 224 -3.12 13.90 5.46
CE MSE A 224 -3.80 15.29 4.28
N GLY A 225 -6.97 11.79 2.92
CA GLY A 225 -8.13 11.50 2.08
C GLY A 225 -7.97 10.56 0.90
N ASN A 226 -7.00 10.82 0.03
CA ASN A 226 -6.81 9.97 -1.13
C ASN A 226 -5.66 9.00 -1.01
N ALA A 227 -5.24 8.72 0.23
CA ALA A 227 -4.15 7.78 0.46
C ALA A 227 -4.55 6.41 -0.11
N HIS A 228 -3.55 5.56 -0.35
CA HIS A 228 -3.82 4.22 -0.88
C HIS A 228 -4.75 3.46 0.06
N GLU A 229 -5.61 2.62 -0.51
CA GLU A 229 -6.54 1.89 0.32
C GLU A 229 -5.85 1.14 1.46
N GLU A 230 -4.67 0.58 1.21
CA GLU A 230 -3.99 -0.15 2.28
C GLU A 230 -3.41 0.74 3.35
N VAL A 231 -3.37 2.04 3.08
CA VAL A 231 -2.84 2.97 4.06
C VAL A 231 -3.99 3.32 4.99
N LYS A 232 -5.18 3.50 4.40
CA LYS A 232 -6.36 3.83 5.19
C LYS A 232 -6.73 2.65 6.09
N ARG A 233 -6.58 1.44 5.57
CA ARG A 233 -6.94 0.25 6.33
C ARG A 233 -6.26 0.17 7.70
N VAL A 234 -4.98 0.53 7.77
CA VAL A 234 -4.27 0.46 9.05
C VAL A 234 -4.40 1.74 9.86
N ALA A 235 -5.08 2.73 9.31
CA ALA A 235 -5.25 4.01 9.98
C ALA A 235 -6.36 4.02 11.03
N ASP A 236 -6.15 4.78 12.10
CA ASP A 236 -7.14 4.90 13.16
C ASP A 236 -8.14 5.98 12.77
N PHE A 237 -7.80 6.73 11.72
CA PHE A 237 -8.68 7.78 11.22
C PHE A 237 -8.26 8.21 9.82
N VAL A 238 -9.27 8.41 8.96
CA VAL A 238 -9.04 8.85 7.60
C VAL A 238 -9.55 10.27 7.50
N THR A 239 -8.68 11.22 7.20
CA THR A 239 -9.08 12.62 7.11
C THR A 239 -9.29 13.03 5.66
N LYS A 240 -9.54 14.31 5.43
CA LYS A 240 -9.75 14.82 4.07
C LYS A 240 -8.41 14.90 3.35
N PRO A 241 -8.41 15.15 2.03
CA PRO A 241 -7.13 15.23 1.29
C PRO A 241 -6.32 16.46 1.68
N VAL A 242 -5.02 16.43 1.39
CA VAL A 242 -4.15 17.56 1.72
C VAL A 242 -4.71 18.79 1.01
N ASP A 243 -5.37 18.51 -0.10
CA ASP A 243 -5.99 19.51 -0.95
C ASP A 243 -7.18 20.19 -0.29
N LYS A 244 -7.76 19.55 0.72
CA LYS A 244 -8.93 20.10 1.41
C LYS A 244 -8.80 20.29 2.91
N GLU A 245 -7.69 20.88 3.34
CA GLU A 245 -7.44 21.14 4.75
C GLU A 245 -7.39 19.87 5.59
N GLY A 246 -7.02 18.76 4.96
CA GLY A 246 -6.95 17.50 5.67
C GLY A 246 -6.20 17.55 6.99
N ILE A 247 -5.03 18.18 7.02
CA ILE A 247 -4.25 18.26 8.24
C ILE A 247 -5.01 19.04 9.31
N TRP A 248 -5.61 20.16 8.92
CA TRP A 248 -6.35 20.98 9.85
C TRP A 248 -7.60 20.25 10.34
N TYR A 249 -8.43 19.83 9.40
CA TYR A 249 -9.66 19.11 9.74
C TYR A 249 -9.35 17.92 10.63
N GLY A 250 -8.37 17.13 10.24
CA GLY A 250 -8.01 15.96 11.02
C GLY A 250 -7.62 16.29 12.45
N LEU A 251 -6.76 17.29 12.61
CA LEU A 251 -6.32 17.68 13.94
C LEU A 251 -7.48 18.19 14.80
N LYS A 252 -8.47 18.79 14.15
CA LYS A 252 -9.62 19.33 14.86
C LYS A 252 -10.46 18.17 15.39
N GLN A 253 -10.82 17.26 14.49
CA GLN A 253 -11.61 16.09 14.85
C GLN A 253 -10.93 15.31 15.96
N LEU A 254 -9.61 15.20 15.90
CA LEU A 254 -8.88 14.47 16.95
C LEU A 254 -8.78 15.31 18.22
N GLN A 255 -9.39 16.50 18.16
CA GLN A 255 -9.42 17.46 19.25
C GLN A 255 -8.03 17.84 19.75
N LEU A 256 -7.06 17.94 18.85
CA LEU A 256 -5.71 18.35 19.23
C LEU A 256 -5.63 19.87 19.19
N ILE A 257 -6.49 20.47 18.37
CA ILE A 257 -6.57 21.92 18.26
C ILE A 257 -8.04 22.33 18.28
N MSE B 1 13.03 -21.67 24.32
CA MSE B 1 12.20 -21.92 25.52
C MSE B 1 10.72 -21.67 25.26
O MSE B 1 9.85 -22.30 25.88
CB MSE B 1 12.67 -21.03 26.68
CG MSE B 1 12.75 -19.56 26.36
SE MSE B 1 13.37 -18.51 27.87
CE MSE B 1 15.28 -18.86 27.76
N GLY B 2 10.42 -20.76 24.33
CA GLY B 2 9.04 -20.47 23.99
C GLY B 2 8.60 -21.08 22.67
N ARG B 3 7.34 -20.88 22.31
CA ARG B 3 6.80 -21.41 21.06
C ARG B 3 7.01 -20.43 19.91
N LYS B 4 7.07 -20.95 18.69
CA LYS B 4 7.20 -20.11 17.51
C LYS B 4 5.93 -20.25 16.70
N ILE B 5 5.62 -19.27 15.88
CA ILE B 5 4.40 -19.34 15.09
C ILE B 5 4.67 -18.66 13.77
N VAL B 6 4.07 -19.18 12.70
CA VAL B 6 4.23 -18.62 11.37
C VAL B 6 2.86 -18.34 10.80
N PHE B 7 2.67 -17.11 10.32
CA PHE B 7 1.41 -16.68 9.73
C PHE B 7 1.56 -16.63 8.21
N PHE B 8 0.51 -17.03 7.50
CA PHE B 8 0.52 -17.05 6.04
C PHE B 8 -0.69 -16.34 5.48
N ASP B 9 -0.48 -15.55 4.43
CA ASP B 9 -1.58 -14.89 3.76
C ASP B 9 -1.95 -15.96 2.72
N ILE B 10 -3.12 -15.86 2.11
CA ILE B 10 -3.52 -16.89 1.14
C ILE B 10 -3.03 -16.72 -0.31
N ASP B 11 -3.63 -15.82 -1.07
CA ASP B 11 -3.22 -15.63 -2.47
C ASP B 11 -1.83 -15.06 -2.65
N GLY B 12 -1.03 -15.71 -3.51
CA GLY B 12 0.32 -15.26 -3.75
C GLY B 12 1.29 -15.84 -2.75
N THR B 13 0.76 -16.34 -1.62
CA THR B 13 1.62 -16.88 -0.59
C THR B 13 1.46 -18.39 -0.46
N LEU B 14 0.24 -18.85 -0.19
CA LEU B 14 -0.02 -20.28 -0.06
C LEU B 14 -0.44 -20.80 -1.42
N LEU B 15 -1.19 -19.98 -2.15
CA LEU B 15 -1.66 -20.36 -3.49
C LEU B 15 -0.99 -19.51 -4.55
N ASP B 16 -0.52 -20.17 -5.62
CA ASP B 16 0.15 -19.49 -6.72
C ASP B 16 -0.81 -18.69 -7.58
N GLU B 17 -0.29 -18.13 -8.67
CA GLU B 17 -1.11 -17.31 -9.56
C GLU B 17 -2.34 -18.05 -10.09
N GLN B 18 -2.28 -19.37 -10.15
CA GLN B 18 -3.41 -20.15 -10.64
C GLN B 18 -4.30 -20.67 -9.49
N LYS B 19 -4.10 -20.15 -8.28
CA LYS B 19 -4.88 -20.56 -7.11
C LYS B 19 -4.56 -22.00 -6.73
N GLN B 20 -3.35 -22.42 -7.09
CA GLN B 20 -2.93 -23.78 -6.83
C GLN B 20 -2.03 -23.88 -5.62
N LEU B 21 -2.15 -24.97 -4.87
CA LEU B 21 -1.34 -25.18 -3.68
C LEU B 21 -0.10 -26.01 -4.00
N PRO B 22 1.09 -25.42 -3.85
CA PRO B 22 2.30 -26.18 -4.15
C PRO B 22 2.53 -27.38 -3.22
N LEU B 23 2.96 -28.50 -3.78
CA LEU B 23 3.25 -29.70 -3.00
C LEU B 23 4.25 -29.43 -1.87
N SER B 24 5.27 -28.64 -2.17
CA SER B 24 6.29 -28.31 -1.16
C SER B 24 5.75 -27.47 0.00
N THR B 25 4.67 -26.75 -0.23
CA THR B 25 4.07 -25.94 0.83
C THR B 25 3.42 -26.93 1.80
N ILE B 26 2.80 -27.96 1.25
CA ILE B 26 2.17 -28.99 2.07
C ILE B 26 3.25 -29.64 2.93
N GLU B 27 4.41 -29.91 2.36
CA GLU B 27 5.52 -30.51 3.11
C GLU B 27 5.95 -29.51 4.17
N ALA B 28 6.10 -28.25 3.78
CA ALA B 28 6.51 -27.19 4.69
C ALA B 28 5.65 -27.19 5.95
N VAL B 29 4.35 -27.02 5.77
CA VAL B 29 3.42 -26.99 6.89
C VAL B 29 3.54 -28.26 7.72
N ARG B 30 3.64 -29.40 7.06
CA ARG B 30 3.77 -30.66 7.76
C ARG B 30 4.99 -30.63 8.68
N ARG B 31 6.14 -30.26 8.13
CA ARG B 31 7.38 -30.17 8.89
C ARG B 31 7.29 -29.22 10.06
N LEU B 32 6.68 -28.04 9.85
CA LEU B 32 6.56 -27.07 10.93
C LEU B 32 5.75 -27.62 12.11
N LYS B 33 4.61 -28.24 11.82
CA LYS B 33 3.77 -28.80 12.86
C LYS B 33 4.52 -29.86 13.65
N GLN B 34 5.19 -30.75 12.93
CA GLN B 34 5.96 -31.82 13.54
C GLN B 34 6.98 -31.27 14.55
N SER B 35 7.50 -30.08 14.28
CA SER B 35 8.49 -29.44 15.15
C SER B 35 7.87 -28.64 16.28
N GLY B 36 6.55 -28.59 16.34
CA GLY B 36 5.90 -27.84 17.41
C GLY B 36 5.73 -26.38 17.07
N VAL B 37 5.97 -26.03 15.81
CA VAL B 37 5.81 -24.64 15.37
C VAL B 37 4.36 -24.44 14.96
N TYR B 38 3.71 -23.44 15.54
CA TYR B 38 2.31 -23.16 15.20
C TYR B 38 2.19 -22.59 13.80
N VAL B 39 1.15 -23.01 13.08
CA VAL B 39 0.92 -22.54 11.73
C VAL B 39 -0.47 -21.93 11.67
N ALA B 40 -0.55 -20.69 11.18
CA ALA B 40 -1.84 -20.02 11.10
C ALA B 40 -1.93 -19.14 9.86
N ILE B 41 -3.17 -18.91 9.43
CA ILE B 41 -3.45 -18.07 8.27
C ILE B 41 -3.91 -16.72 8.81
N ALA B 42 -3.49 -15.63 8.16
CA ALA B 42 -3.92 -14.29 8.57
C ALA B 42 -4.52 -13.69 7.32
N THR B 43 -5.79 -13.33 7.37
CA THR B 43 -6.47 -12.81 6.19
C THR B 43 -7.62 -11.87 6.50
N GLY B 44 -8.07 -11.14 5.49
CA GLY B 44 -9.20 -10.26 5.65
C GLY B 44 -10.49 -11.00 5.35
N ARG B 45 -10.36 -12.22 4.83
CA ARG B 45 -11.52 -13.03 4.48
C ARG B 45 -12.31 -13.56 5.67
N ALA B 46 -13.52 -14.02 5.36
CA ALA B 46 -14.41 -14.60 6.35
C ALA B 46 -13.96 -16.05 6.51
N PRO B 47 -14.12 -16.63 7.70
CA PRO B 47 -13.71 -18.02 7.89
C PRO B 47 -14.20 -18.95 6.77
N PHE B 48 -15.50 -18.88 6.47
CA PHE B 48 -16.09 -19.73 5.45
C PHE B 48 -15.55 -19.48 4.05
N MSE B 49 -14.73 -18.45 3.89
CA MSE B 49 -14.18 -18.15 2.57
C MSE B 49 -12.86 -18.85 2.28
O MSE B 49 -12.31 -18.71 1.19
CB MSE B 49 -14.03 -16.64 2.40
CG MSE B 49 -15.30 -15.95 1.92
SE MSE B 49 -15.20 -14.01 1.94
CE MSE B 49 -13.83 -13.72 0.59
N PHE B 50 -12.34 -19.60 3.26
CA PHE B 50 -11.08 -20.33 3.05
C PHE B 50 -11.00 -21.60 3.90
N GLU B 51 -12.15 -22.22 4.11
CA GLU B 51 -12.22 -23.46 4.89
C GLU B 51 -11.59 -24.60 4.09
N HIS B 52 -11.77 -24.59 2.77
CA HIS B 52 -11.20 -25.63 1.93
C HIS B 52 -9.68 -25.66 2.08
N VAL B 53 -9.05 -24.49 1.96
CA VAL B 53 -7.60 -24.39 2.10
C VAL B 53 -7.14 -24.90 3.46
N ARG B 54 -7.91 -24.57 4.49
CA ARG B 54 -7.60 -24.98 5.85
C ARG B 54 -7.64 -26.50 5.96
N LYS B 55 -8.69 -27.10 5.41
CA LYS B 55 -8.83 -28.54 5.47
C LYS B 55 -7.68 -29.19 4.69
N GLN B 56 -7.27 -28.53 3.62
CA GLN B 56 -6.18 -29.03 2.79
C GLN B 56 -4.84 -29.08 3.51
N LEU B 57 -4.54 -28.03 4.27
CA LEU B 57 -3.28 -27.93 5.01
C LEU B 57 -3.42 -28.30 6.48
N GLY B 58 -4.62 -28.70 6.88
CA GLY B 58 -4.84 -29.04 8.27
C GLY B 58 -4.49 -27.86 9.15
N ILE B 59 -4.95 -26.67 8.76
CA ILE B 59 -4.70 -25.48 9.54
C ILE B 59 -5.98 -25.10 10.26
N ASP B 60 -5.95 -25.10 11.57
CA ASP B 60 -7.15 -24.75 12.33
C ASP B 60 -6.91 -23.59 13.29
N SER B 61 -5.93 -22.76 12.96
CA SER B 61 -5.63 -21.57 13.76
C SER B 61 -5.56 -20.45 12.74
N PHE B 62 -6.17 -19.31 13.03
CA PHE B 62 -6.13 -18.23 12.07
C PHE B 62 -6.67 -16.90 12.57
N VAL B 63 -6.32 -15.85 11.83
CA VAL B 63 -6.76 -14.50 12.08
C VAL B 63 -7.58 -14.20 10.83
N SER B 64 -8.89 -14.05 10.99
CA SER B 64 -9.75 -13.74 9.86
C SER B 64 -10.47 -12.41 10.10
N PHE B 65 -11.24 -11.98 9.11
CA PHE B 65 -11.98 -10.73 9.19
C PHE B 65 -11.07 -9.57 9.61
N ASN B 66 -9.86 -9.52 9.03
CA ASN B 66 -8.93 -8.45 9.33
C ASN B 66 -8.73 -8.23 10.82
N GLY B 67 -8.67 -9.31 11.60
CA GLY B 67 -8.46 -9.21 13.04
C GLY B 67 -9.68 -9.32 13.95
N GLN B 68 -10.90 -9.28 13.40
CA GLN B 68 -12.09 -9.35 14.26
C GLN B 68 -12.55 -10.74 14.71
N TYR B 69 -11.94 -11.77 14.15
CA TYR B 69 -12.30 -13.13 14.51
C TYR B 69 -11.02 -13.96 14.45
N VAL B 70 -10.53 -14.37 15.61
CA VAL B 70 -9.29 -15.13 15.71
C VAL B 70 -9.51 -16.48 16.36
N VAL B 71 -9.08 -17.54 15.68
CA VAL B 71 -9.24 -18.89 16.20
C VAL B 71 -7.90 -19.58 16.42
N PHE B 72 -7.80 -20.35 17.50
CA PHE B 72 -6.59 -21.11 17.82
C PHE B 72 -6.92 -22.58 18.03
N GLU B 73 -6.34 -23.46 17.22
CA GLU B 73 -6.57 -24.89 17.30
C GLU B 73 -8.06 -25.22 17.43
N GLY B 74 -8.88 -24.60 16.57
CA GLY B 74 -10.30 -24.87 16.59
C GLY B 74 -11.18 -24.01 17.49
N ASN B 75 -10.59 -23.35 18.49
CA ASN B 75 -11.40 -22.53 19.39
C ASN B 75 -11.20 -21.03 19.24
N VAL B 76 -12.30 -20.29 19.29
CA VAL B 76 -12.26 -18.85 19.17
C VAL B 76 -11.38 -18.33 20.30
N LEU B 77 -10.42 -17.49 19.94
CA LEU B 77 -9.49 -16.95 20.91
C LEU B 77 -9.76 -15.48 21.15
N TYR B 78 -10.36 -14.83 20.17
CA TYR B 78 -10.67 -13.41 20.27
C TYR B 78 -11.68 -13.05 19.20
N LYS B 79 -12.63 -12.20 19.56
CA LYS B 79 -13.64 -11.76 18.62
C LYS B 79 -14.16 -10.39 18.97
N GLN B 80 -14.23 -9.53 17.97
CA GLN B 80 -14.69 -8.17 18.15
C GLN B 80 -15.77 -7.86 17.11
N PRO B 81 -17.05 -8.08 17.47
CA PRO B 81 -18.19 -7.83 16.58
C PRO B 81 -18.29 -6.35 16.29
N LEU B 82 -18.90 -6.02 15.16
CA LEU B 82 -19.13 -4.63 14.77
C LEU B 82 -20.21 -4.13 15.73
N ARG B 83 -20.11 -2.89 16.19
CA ARG B 83 -21.11 -2.33 17.11
C ARG B 83 -22.49 -2.36 16.43
N ARG B 84 -23.40 -3.19 16.94
CA ARG B 84 -24.73 -3.34 16.35
C ARG B 84 -25.43 -2.00 16.12
N GLU B 85 -25.36 -1.14 17.14
CA GLU B 85 -25.96 0.18 17.07
C GLU B 85 -25.54 0.89 15.77
N LYS B 86 -24.24 0.97 15.56
CA LYS B 86 -23.70 1.61 14.36
C LYS B 86 -23.99 0.85 13.08
N VAL B 87 -24.12 -0.47 13.17
CA VAL B 87 -24.42 -1.27 11.98
C VAL B 87 -25.83 -0.91 11.52
N ARG B 88 -26.74 -0.70 12.47
CA ARG B 88 -28.11 -0.34 12.14
C ARG B 88 -28.20 1.02 11.45
N ALA B 89 -27.51 2.01 12.01
CA ALA B 89 -27.50 3.37 11.44
C ALA B 89 -26.95 3.38 10.01
N LEU B 90 -25.81 2.73 9.82
CA LEU B 90 -25.17 2.66 8.52
C LEU B 90 -26.12 2.04 7.51
N THR B 91 -26.78 0.96 7.91
CA THR B 91 -27.71 0.28 7.02
C THR B 91 -28.84 1.23 6.60
N GLU B 92 -29.48 1.85 7.58
CA GLU B 92 -30.57 2.77 7.30
C GLU B 92 -30.17 3.95 6.44
N GLU B 93 -29.07 4.59 6.78
CA GLU B 93 -28.60 5.74 6.02
C GLU B 93 -28.25 5.32 4.58
N ALA B 94 -27.56 4.19 4.44
CA ALA B 94 -27.17 3.69 3.12
C ALA B 94 -28.40 3.30 2.29
N HIS B 95 -29.38 2.70 2.95
CA HIS B 95 -30.62 2.28 2.29
C HIS B 95 -31.32 3.50 1.67
N LYS B 96 -31.23 4.65 2.34
CA LYS B 96 -31.84 5.88 1.84
C LYS B 96 -31.23 6.29 0.52
N ASN B 97 -29.94 6.03 0.34
CA ASN B 97 -29.26 6.39 -0.89
C ASN B 97 -29.26 5.25 -1.90
N GLY B 98 -30.00 4.19 -1.60
CA GLY B 98 -30.08 3.05 -2.49
C GLY B 98 -28.83 2.19 -2.49
N HIS B 99 -28.08 2.27 -1.40
CA HIS B 99 -26.86 1.48 -1.25
C HIS B 99 -27.07 0.29 -0.34
N PRO B 100 -26.99 -0.92 -0.88
CA PRO B 100 -27.18 -2.13 -0.07
C PRO B 100 -25.89 -2.52 0.64
N LEU B 101 -26.04 -3.44 1.59
CA LEU B 101 -24.93 -3.96 2.39
C LEU B 101 -25.05 -5.46 2.46
N VAL B 102 -23.99 -6.10 2.94
CA VAL B 102 -23.98 -7.53 3.14
C VAL B 102 -23.35 -7.71 4.52
N PHE B 103 -24.03 -8.47 5.37
CA PHE B 103 -23.57 -8.73 6.73
C PHE B 103 -22.86 -10.08 6.77
N MSE B 104 -21.66 -10.09 7.34
CA MSE B 104 -20.85 -11.31 7.42
C MSE B 104 -20.50 -11.75 8.84
O MSE B 104 -20.09 -10.94 9.68
CB MSE B 104 -19.54 -11.09 6.68
CG MSE B 104 -19.67 -10.57 5.27
SE MSE B 104 -17.96 -9.94 4.60
CE MSE B 104 -17.10 -11.64 4.34
N ASP B 105 -20.67 -13.04 9.12
CA ASP B 105 -20.25 -13.58 10.42
C ASP B 105 -19.31 -14.73 10.09
N ALA B 106 -19.00 -15.58 11.06
CA ALA B 106 -18.06 -16.66 10.80
C ALA B 106 -18.63 -17.78 9.93
N GLU B 107 -19.94 -17.99 10.00
CA GLU B 107 -20.58 -19.06 9.24
C GLU B 107 -21.11 -18.64 7.88
N LYS B 108 -21.92 -17.59 7.87
CA LYS B 108 -22.54 -17.17 6.64
C LYS B 108 -22.50 -15.67 6.35
N MSE B 109 -23.17 -15.33 5.26
CA MSE B 109 -23.20 -13.98 4.74
C MSE B 109 -24.65 -13.65 4.30
O MSE B 109 -25.33 -14.50 3.73
CB MSE B 109 -22.23 -13.96 3.58
CG MSE B 109 -21.97 -12.67 2.94
SE MSE B 109 -20.70 -13.08 1.55
CE MSE B 109 -19.24 -12.00 2.15
N ARG B 110 -25.09 -12.42 4.57
CA ARG B 110 -26.44 -11.98 4.23
C ARG B 110 -26.51 -10.59 3.58
N ALA B 111 -27.40 -10.45 2.60
CA ALA B 111 -27.58 -9.19 1.88
C ALA B 111 -28.84 -8.46 2.35
N SER B 112 -28.77 -7.12 2.36
CA SER B 112 -29.89 -6.27 2.78
C SER B 112 -30.94 -6.08 1.69
N ILE B 113 -30.51 -6.18 0.44
CA ILE B 113 -31.39 -6.02 -0.72
C ILE B 113 -31.18 -7.20 -1.67
N GLY B 114 -32.27 -7.76 -2.19
CA GLY B 114 -32.20 -8.88 -3.10
C GLY B 114 -32.01 -8.53 -4.57
N ASP B 115 -31.43 -9.46 -5.32
CA ASP B 115 -31.20 -9.33 -6.76
C ASP B 115 -30.62 -7.94 -7.05
N HIS B 116 -29.71 -7.45 -6.21
CA HIS B 116 -29.10 -6.15 -6.49
C HIS B 116 -27.91 -6.42 -7.38
N PRO B 117 -27.78 -5.71 -8.53
CA PRO B 117 -26.67 -5.87 -9.47
C PRO B 117 -25.29 -5.49 -9.02
N HIS B 118 -25.12 -4.67 -7.98
CA HIS B 118 -23.72 -4.37 -7.59
C HIS B 118 -23.19 -5.55 -6.79
N ILE B 119 -24.12 -6.16 -6.06
CA ILE B 119 -23.82 -7.31 -5.27
C ILE B 119 -23.41 -8.43 -6.22
N HIS B 120 -24.27 -8.76 -7.19
CA HIS B 120 -23.99 -9.83 -8.16
C HIS B 120 -22.57 -9.72 -8.70
N VAL B 121 -22.28 -8.60 -9.37
CA VAL B 121 -20.98 -8.37 -9.98
C VAL B 121 -19.78 -8.40 -9.04
N SER B 122 -19.84 -7.65 -7.96
CA SER B 122 -18.72 -7.62 -7.03
C SER B 122 -18.54 -8.99 -6.36
N MSE B 123 -19.65 -9.62 -5.97
CA MSE B 123 -19.58 -10.94 -5.33
C MSE B 123 -19.07 -12.04 -6.29
O MSE B 123 -18.33 -12.95 -5.89
CB MSE B 123 -20.94 -11.35 -4.75
CG MSE B 123 -21.41 -10.51 -3.58
SE MSE B 123 -20.08 -10.20 -2.18
CE MSE B 123 -19.43 -11.99 -1.98
N ALA B 124 -19.49 -11.97 -7.55
CA ALA B 124 -19.08 -12.95 -8.53
C ALA B 124 -17.57 -12.92 -8.69
N SER B 125 -16.97 -11.73 -8.54
CA SER B 125 -15.53 -11.62 -8.68
C SER B 125 -14.80 -12.34 -7.54
N LEU B 126 -15.52 -12.57 -6.45
CA LEU B 126 -15.00 -13.28 -5.28
C LEU B 126 -15.37 -14.76 -5.47
N LYS B 127 -16.08 -15.02 -6.57
CA LYS B 127 -16.56 -16.33 -6.96
C LYS B 127 -17.71 -16.79 -6.06
N PHE B 128 -18.53 -15.84 -5.64
CA PHE B 128 -19.68 -16.14 -4.82
C PHE B 128 -21.00 -15.75 -5.46
N ALA B 129 -22.01 -16.53 -5.17
CA ALA B 129 -23.32 -16.25 -5.70
C ALA B 129 -23.90 -15.13 -4.83
N HIS B 130 -25.00 -14.54 -5.28
CA HIS B 130 -25.60 -13.47 -4.51
C HIS B 130 -26.02 -14.04 -3.15
N PRO B 131 -25.59 -13.38 -2.05
CA PRO B 131 -25.97 -13.90 -0.75
C PRO B 131 -27.47 -13.94 -0.52
N PRO B 132 -27.93 -14.89 0.32
CA PRO B 132 -29.37 -14.95 0.59
C PRO B 132 -29.74 -13.59 1.16
N VAL B 133 -30.96 -13.13 0.95
CA VAL B 133 -31.36 -11.82 1.45
C VAL B 133 -31.98 -11.85 2.85
N ASP B 134 -31.55 -10.92 3.70
CA ASP B 134 -32.04 -10.80 5.07
C ASP B 134 -31.58 -9.47 5.67
N PRO B 135 -32.36 -8.40 5.44
CA PRO B 135 -32.10 -7.03 5.89
C PRO B 135 -31.85 -6.83 7.39
N LEU B 136 -32.33 -7.74 8.22
CA LEU B 136 -32.14 -7.60 9.67
C LEU B 136 -31.26 -8.66 10.29
N TYR B 137 -30.38 -9.26 9.49
CA TYR B 137 -29.50 -10.31 9.98
C TYR B 137 -28.61 -9.84 11.13
N TYR B 138 -28.11 -8.62 11.02
CA TYR B 138 -27.22 -8.05 12.04
C TYR B 138 -27.91 -7.82 13.39
N GLU B 139 -29.23 -7.71 13.37
CA GLU B 139 -29.98 -7.47 14.60
C GLU B 139 -29.88 -8.58 15.63
N ASN B 140 -29.93 -9.82 15.19
CA ASN B 140 -29.89 -10.95 16.13
C ASN B 140 -28.65 -11.83 16.01
N LYS B 141 -27.67 -11.39 15.22
CA LYS B 141 -26.44 -12.14 15.03
C LYS B 141 -25.22 -11.22 15.12
N ASP B 142 -24.11 -11.74 15.64
CA ASP B 142 -22.89 -10.94 15.73
C ASP B 142 -22.31 -10.81 14.32
N ILE B 143 -21.98 -9.59 13.93
CA ILE B 143 -21.40 -9.35 12.62
C ILE B 143 -19.95 -8.91 12.83
N TYR B 144 -19.02 -9.49 12.09
CA TYR B 144 -17.63 -9.13 12.26
C TYR B 144 -17.12 -8.22 11.15
N GLN B 145 -17.90 -8.11 10.09
CA GLN B 145 -17.49 -7.28 8.97
C GLN B 145 -18.67 -7.17 8.01
N ALA B 146 -18.75 -6.05 7.30
CA ALA B 146 -19.85 -5.87 6.36
C ALA B 146 -19.31 -5.35 5.05
N LEU B 147 -20.20 -5.34 4.05
CA LEU B 147 -19.86 -4.87 2.72
C LEU B 147 -20.84 -3.78 2.33
N LEU B 148 -20.31 -2.64 1.91
CA LEU B 148 -21.14 -1.52 1.47
C LEU B 148 -21.02 -1.48 -0.02
N PHE B 149 -22.17 -1.42 -0.71
CA PHE B 149 -22.14 -1.38 -2.16
C PHE B 149 -22.47 -0.01 -2.70
N CYS B 150 -21.41 0.68 -3.13
CA CYS B 150 -21.51 2.01 -3.69
C CYS B 150 -20.17 2.29 -4.36
N ARG B 151 -20.14 3.31 -5.20
CA ARG B 151 -18.93 3.69 -5.91
C ARG B 151 -18.09 4.66 -5.07
N ALA B 152 -16.84 4.82 -5.45
CA ALA B 152 -15.93 5.70 -4.71
C ALA B 152 -16.40 7.15 -4.68
N GLU B 153 -17.19 7.55 -5.67
CA GLU B 153 -17.70 8.91 -5.76
C GLU B 153 -18.76 9.20 -4.71
N GLU B 154 -19.37 8.16 -4.16
CA GLU B 154 -20.43 8.33 -3.18
C GLU B 154 -20.15 7.88 -1.74
N GLU B 155 -18.89 7.53 -1.46
CA GLU B 155 -18.51 7.04 -0.13
C GLU B 155 -18.17 8.11 0.93
N GLU B 156 -17.70 9.27 0.49
CA GLU B 156 -17.32 10.37 1.39
C GLU B 156 -18.22 10.52 2.63
N PRO B 157 -19.54 10.66 2.44
CA PRO B 157 -20.48 10.81 3.56
C PRO B 157 -20.35 9.71 4.61
N TYR B 158 -20.34 8.46 4.16
CA TYR B 158 -20.22 7.30 5.04
C TYR B 158 -18.91 7.36 5.82
N VAL B 159 -17.83 7.65 5.11
CA VAL B 159 -16.51 7.76 5.72
C VAL B 159 -16.59 8.80 6.84
N ARG B 160 -17.15 9.96 6.51
CA ARG B 160 -17.30 11.08 7.45
C ARG B 160 -18.32 10.85 8.58
N ASN B 161 -19.48 10.31 8.25
CA ASN B 161 -20.50 10.09 9.26
C ASN B 161 -20.27 8.90 10.17
N TYR B 162 -19.33 8.04 9.81
CA TYR B 162 -19.06 6.86 10.62
C TYR B 162 -17.58 6.63 10.89
N PRO B 163 -16.99 7.46 11.74
CA PRO B 163 -15.57 7.34 12.08
C PRO B 163 -15.30 6.11 12.94
N GLU B 164 -16.37 5.40 13.34
CA GLU B 164 -16.22 4.19 14.15
C GLU B 164 -15.93 2.99 13.25
N PHE B 165 -16.13 3.17 11.95
CA PHE B 165 -15.87 2.11 10.98
C PHE B 165 -14.75 2.59 10.06
N ARG B 166 -14.16 1.64 9.33
CA ARG B 166 -13.10 1.97 8.38
C ARG B 166 -13.54 1.36 7.05
N PHE B 167 -13.71 2.20 6.04
CA PHE B 167 -14.12 1.75 4.72
C PHE B 167 -12.89 1.55 3.83
N VAL B 168 -12.66 0.32 3.40
CA VAL B 168 -11.52 0.01 2.55
C VAL B 168 -12.03 -0.58 1.24
N ARG B 169 -11.88 0.17 0.16
CA ARG B 169 -12.36 -0.25 -1.15
C ARG B 169 -11.54 -1.39 -1.75
N TRP B 170 -12.24 -2.32 -2.41
CA TRP B 170 -11.58 -3.47 -3.05
C TRP B 170 -12.21 -3.75 -4.41
N HIS B 171 -13.29 -3.04 -4.75
CA HIS B 171 -13.98 -3.23 -6.01
C HIS B 171 -14.67 -1.93 -6.41
N ASP B 172 -14.88 -1.73 -7.70
CA ASP B 172 -15.55 -0.54 -8.19
C ASP B 172 -16.85 -0.22 -7.51
N VAL B 173 -17.58 -1.26 -7.07
CA VAL B 173 -18.87 -1.00 -6.44
C VAL B 173 -19.08 -1.62 -5.06
N SER B 174 -17.99 -1.93 -4.38
CA SER B 174 -18.09 -2.51 -3.05
C SER B 174 -16.87 -2.18 -2.22
N THR B 175 -17.09 -1.86 -0.95
CA THR B 175 -15.98 -1.54 -0.06
C THR B 175 -16.20 -2.29 1.25
N ASP B 176 -15.11 -2.68 1.91
CA ASP B 176 -15.23 -3.39 3.18
C ASP B 176 -15.51 -2.45 4.32
N VAL B 177 -16.23 -2.94 5.32
CA VAL B 177 -16.55 -2.14 6.49
C VAL B 177 -15.98 -2.83 7.72
N LEU B 178 -14.87 -2.32 8.24
CA LEU B 178 -14.25 -2.90 9.42
C LEU B 178 -14.32 -1.90 10.56
N PRO B 179 -14.14 -2.35 11.81
CA PRO B 179 -14.22 -1.36 12.88
C PRO B 179 -12.93 -0.56 12.84
N ALA B 180 -13.02 0.74 13.12
CA ALA B 180 -11.82 1.56 13.10
C ALA B 180 -10.88 0.94 14.15
N GLY B 181 -9.62 0.77 13.77
CA GLY B 181 -8.66 0.20 14.69
C GLY B 181 -8.43 -1.27 14.44
N GLY B 182 -9.21 -1.86 13.54
CA GLY B 182 -9.03 -3.27 13.24
C GLY B 182 -8.15 -3.55 12.04
N SER B 183 -7.28 -4.54 12.17
CA SER B 183 -6.39 -4.96 11.09
C SER B 183 -5.85 -6.35 11.45
N LYS B 184 -5.44 -7.12 10.45
CA LYS B 184 -4.95 -8.46 10.74
C LYS B 184 -3.65 -8.48 11.51
N ALA B 185 -2.84 -7.43 11.39
CA ALA B 185 -1.58 -7.40 12.15
C ALA B 185 -1.97 -7.26 13.61
N GLU B 186 -3.06 -6.52 13.82
CA GLU B 186 -3.60 -6.29 15.16
C GLU B 186 -4.12 -7.62 15.69
N GLY B 187 -4.75 -8.39 14.81
CA GLY B 187 -5.26 -9.69 15.20
C GLY B 187 -4.09 -10.58 15.58
N ILE B 188 -2.99 -10.45 14.84
CA ILE B 188 -1.79 -11.23 15.10
C ILE B 188 -1.22 -10.86 16.45
N ARG B 189 -1.32 -9.59 16.82
CA ARG B 189 -0.81 -9.14 18.11
C ARG B 189 -1.67 -9.80 19.19
N MSE B 190 -2.97 -9.90 18.94
CA MSE B 190 -3.92 -10.51 19.85
C MSE B 190 -3.56 -11.97 20.09
O MSE B 190 -3.44 -12.44 21.22
CB MSE B 190 -5.33 -10.43 19.28
CG MSE B 190 -6.39 -10.10 20.31
SE MSE B 190 -6.05 -8.34 21.05
CE MSE B 190 -7.04 -7.28 19.76
N MSE B 191 -3.40 -12.69 18.99
CA MSE B 191 -3.06 -14.09 18.99
C MSE B 191 -1.79 -14.39 19.80
O MSE B 191 -1.83 -15.20 20.74
CB MSE B 191 -2.87 -14.55 17.55
CG MSE B 191 -2.30 -15.94 17.40
SE MSE B 191 -3.59 -17.21 16.76
CE MSE B 191 -4.25 -17.80 18.47
N ILE B 192 -0.68 -13.73 19.47
CA ILE B 192 0.59 -13.99 20.17
C ILE B 192 0.62 -13.54 21.62
N GLU B 193 -0.18 -12.54 21.96
CA GLU B 193 -0.25 -12.07 23.34
C GLU B 193 -0.92 -13.16 24.17
N LYS B 194 -2.07 -13.62 23.69
CA LYS B 194 -2.84 -14.66 24.37
C LYS B 194 -2.06 -15.97 24.43
N LEU B 195 -1.35 -16.30 23.37
CA LEU B 195 -0.57 -17.55 23.33
C LEU B 195 0.72 -17.42 24.13
N GLY B 196 1.13 -16.18 24.40
CA GLY B 196 2.35 -15.96 25.14
C GLY B 196 3.60 -16.18 24.30
N ILE B 197 3.55 -15.74 23.05
CA ILE B 197 4.67 -15.87 22.13
C ILE B 197 5.31 -14.51 21.88
N ASP B 198 6.62 -14.41 22.08
CA ASP B 198 7.33 -13.14 21.85
C ASP B 198 7.51 -12.88 20.35
N LYS B 199 7.47 -11.60 19.96
CA LYS B 199 7.62 -11.22 18.56
C LYS B 199 8.86 -11.85 17.91
N LYS B 200 9.95 -11.93 18.65
CA LYS B 200 11.18 -12.53 18.14
C LYS B 200 10.94 -13.96 17.62
N ASP B 201 9.83 -14.55 18.01
CA ASP B 201 9.51 -15.90 17.56
C ASP B 201 8.30 -15.94 16.64
N VAL B 202 7.90 -14.78 16.13
CA VAL B 202 6.76 -14.70 15.24
C VAL B 202 7.24 -14.44 13.81
N TYR B 203 6.78 -15.27 12.88
CA TYR B 203 7.17 -15.15 11.47
C TYR B 203 5.92 -14.96 10.61
N ALA B 204 6.10 -14.37 9.44
CA ALA B 204 4.97 -14.17 8.54
C ALA B 204 5.43 -14.13 7.08
N PHE B 205 4.62 -14.71 6.20
CA PHE B 205 4.90 -14.72 4.76
C PHE B 205 3.77 -13.95 4.07
N GLY B 206 4.14 -12.96 3.27
CA GLY B 206 3.15 -12.15 2.58
C GLY B 206 3.56 -11.83 1.16
N ASP B 207 2.64 -11.28 0.39
CA ASP B 207 2.90 -10.96 -1.00
C ASP B 207 2.33 -9.63 -1.46
N GLY B 208 1.17 -9.26 -0.93
CA GLY B 208 0.56 -8.01 -1.33
C GLY B 208 0.66 -6.87 -0.36
N LEU B 209 0.25 -5.69 -0.83
CA LEU B 209 0.27 -4.46 -0.05
C LEU B 209 -0.49 -4.59 1.26
N ASN B 210 -1.49 -5.46 1.28
CA ASN B 210 -2.27 -5.63 2.50
C ASN B 210 -1.49 -6.43 3.54
N ASP B 211 -0.33 -6.92 3.13
CA ASP B 211 0.54 -7.69 4.02
C ASP B 211 1.67 -6.86 4.61
N ILE B 212 1.78 -5.59 4.20
CA ILE B 212 2.86 -4.74 4.70
C ILE B 212 2.84 -4.55 6.20
N GLU B 213 1.69 -4.21 6.75
CA GLU B 213 1.61 -4.00 8.19
C GLU B 213 2.01 -5.26 8.94
N MSE B 214 1.48 -6.39 8.50
CA MSE B 214 1.79 -7.69 9.11
C MSE B 214 3.29 -7.95 9.10
O MSE B 214 3.89 -8.23 10.15
CB MSE B 214 1.07 -8.79 8.34
CG MSE B 214 1.57 -10.18 8.65
SE MSE B 214 0.49 -11.52 7.80
CE MSE B 214 1.31 -11.58 6.06
N LEU B 215 3.89 -7.86 7.91
CA LEU B 215 5.31 -8.10 7.72
C LEU B 215 6.24 -7.21 8.54
N SER B 216 5.87 -5.93 8.70
CA SER B 216 6.71 -5.03 9.46
C SER B 216 6.53 -5.24 10.96
N PHE B 217 5.36 -5.76 11.35
CA PHE B 217 5.07 -6.00 12.74
C PHE B 217 5.71 -7.24 13.37
N VAL B 218 5.72 -8.36 12.67
CA VAL B 218 6.29 -9.58 13.22
C VAL B 218 7.80 -9.56 13.34
N GLY B 219 8.33 -10.45 14.16
CA GLY B 219 9.77 -10.51 14.32
C GLY B 219 10.47 -10.66 12.98
N THR B 220 10.02 -11.63 12.18
CA THR B 220 10.64 -11.87 10.89
C THR B 220 9.63 -11.86 9.76
N GLY B 221 9.62 -10.78 9.00
CA GLY B 221 8.69 -10.69 7.89
C GLY B 221 9.33 -11.26 6.64
N VAL B 222 8.58 -12.08 5.91
CA VAL B 222 9.07 -12.70 4.70
C VAL B 222 8.17 -12.37 3.51
N ALA B 223 8.74 -11.80 2.47
CA ALA B 223 7.99 -11.44 1.27
C ALA B 223 8.25 -12.50 0.20
N MSE B 224 7.23 -12.85 -0.58
CA MSE B 224 7.39 -13.83 -1.67
C MSE B 224 8.24 -13.22 -2.79
O MSE B 224 8.22 -12.00 -2.99
CB MSE B 224 6.01 -14.19 -2.23
CG MSE B 224 5.06 -14.72 -1.15
SE MSE B 224 5.86 -16.36 -0.21
CE MSE B 224 5.90 -17.89 -1.52
N GLY B 225 8.97 -14.06 -3.52
CA GLY B 225 9.82 -13.61 -4.61
C GLY B 225 9.21 -12.58 -5.56
N ASN B 226 7.94 -12.72 -5.95
CA ASN B 226 7.36 -11.74 -6.87
C ASN B 226 6.44 -10.75 -6.17
N ALA B 227 6.78 -10.42 -4.93
CA ALA B 227 5.97 -9.48 -4.18
C ALA B 227 6.24 -8.03 -4.63
N HIS B 228 5.30 -7.14 -4.35
CA HIS B 228 5.45 -5.73 -4.69
C HIS B 228 6.69 -5.21 -3.93
N GLU B 229 7.42 -4.25 -4.50
CA GLU B 229 8.61 -3.79 -3.80
C GLU B 229 8.34 -3.12 -2.47
N GLU B 230 7.15 -2.56 -2.28
CA GLU B 230 6.85 -1.92 -0.98
C GLU B 230 6.68 -2.98 0.10
N VAL B 231 6.44 -4.22 -0.34
CA VAL B 231 6.28 -5.36 0.54
C VAL B 231 7.67 -5.88 0.87
N LYS B 232 8.53 -5.95 -0.15
CA LYS B 232 9.91 -6.42 0.05
C LYS B 232 10.70 -5.45 0.92
N ARG B 233 10.38 -4.17 0.83
CA ARG B 233 11.08 -3.17 1.62
C ARG B 233 10.99 -3.47 3.11
N VAL B 234 9.78 -3.80 3.57
CA VAL B 234 9.57 -4.08 4.99
C VAL B 234 9.90 -5.50 5.39
N ALA B 235 10.18 -6.37 4.42
CA ALA B 235 10.50 -7.76 4.73
C ALA B 235 11.93 -7.92 5.23
N ASP B 236 12.11 -8.78 6.23
CA ASP B 236 13.43 -9.04 6.80
C ASP B 236 14.14 -10.06 5.92
N PHE B 237 13.37 -10.69 5.04
CA PHE B 237 13.91 -11.68 4.13
C PHE B 237 12.95 -11.88 2.96
N VAL B 238 13.51 -11.94 1.75
CA VAL B 238 12.72 -12.13 0.54
C VAL B 238 13.05 -13.53 0.04
N THR B 239 12.02 -14.36 -0.10
CA THR B 239 12.23 -15.73 -0.58
C THR B 239 11.90 -15.85 -2.06
N LYS B 240 11.97 -17.07 -2.58
CA LYS B 240 11.70 -17.29 -4.00
C LYS B 240 10.23 -17.09 -4.29
N PRO B 241 9.85 -17.06 -5.58
CA PRO B 241 8.44 -16.86 -5.91
C PRO B 241 7.62 -18.05 -5.40
N VAL B 242 6.32 -17.83 -5.24
CA VAL B 242 5.42 -18.85 -4.74
C VAL B 242 5.47 -20.17 -5.51
N ASP B 243 5.69 -20.10 -6.82
CA ASP B 243 5.74 -21.32 -7.61
C ASP B 243 7.14 -21.87 -7.77
N LYS B 244 8.05 -21.45 -6.90
CA LYS B 244 9.43 -21.93 -6.93
C LYS B 244 9.80 -22.40 -5.55
N GLU B 245 8.83 -23.01 -4.87
CA GLU B 245 9.03 -23.53 -3.52
C GLU B 245 9.37 -22.38 -2.56
N GLY B 246 8.87 -21.19 -2.88
CA GLY B 246 9.12 -20.03 -2.06
C GLY B 246 8.92 -20.24 -0.57
N ILE B 247 7.80 -20.83 -0.19
CA ILE B 247 7.55 -21.06 1.22
C ILE B 247 8.49 -22.08 1.83
N TRP B 248 8.67 -23.21 1.16
CA TRP B 248 9.57 -24.25 1.66
C TRP B 248 10.98 -23.69 1.80
N TYR B 249 11.45 -23.06 0.73
CA TYR B 249 12.79 -22.47 0.70
C TYR B 249 13.01 -21.47 1.82
N GLY B 250 12.05 -20.56 1.98
CA GLY B 250 12.16 -19.54 3.02
C GLY B 250 12.27 -20.16 4.39
N LEU B 251 11.35 -21.06 4.69
CA LEU B 251 11.35 -21.73 5.98
C LEU B 251 12.67 -22.46 6.22
N LYS B 252 13.27 -22.94 5.13
CA LYS B 252 14.54 -23.65 5.20
C LYS B 252 15.68 -22.68 5.57
N GLN B 253 15.68 -21.52 4.91
CA GLN B 253 16.69 -20.51 5.17
C GLN B 253 16.58 -19.96 6.59
N LEU B 254 15.36 -19.74 7.04
CA LEU B 254 15.13 -19.22 8.40
C LEU B 254 15.38 -20.34 9.39
N GLN B 255 15.71 -21.51 8.85
CA GLN B 255 15.98 -22.68 9.65
C GLN B 255 14.83 -23.11 10.56
N LEU B 256 13.59 -22.84 10.12
CA LEU B 256 12.43 -23.26 10.88
C LEU B 256 12.25 -24.73 10.49
N ILE B 257 12.73 -25.06 9.30
CA ILE B 257 12.70 -26.43 8.81
C ILE B 257 14.14 -26.83 8.60
N ARG B 258 14.67 -27.68 9.49
CA ARG B 258 16.06 -28.10 9.38
C ARG B 258 16.21 -29.20 8.33
N GLY C 2 -45.15 -28.84 -14.41
CA GLY C 2 -44.19 -29.69 -13.65
C GLY C 2 -42.84 -29.02 -13.46
N ARG C 3 -42.37 -28.98 -12.21
CA ARG C 3 -41.09 -28.37 -11.88
C ARG C 3 -39.90 -29.07 -12.51
N LYS C 4 -38.83 -28.31 -12.75
CA LYS C 4 -37.61 -28.84 -13.34
C LYS C 4 -36.43 -28.72 -12.39
N ILE C 5 -35.54 -29.69 -12.45
CA ILE C 5 -34.37 -29.71 -11.60
C ILE C 5 -33.13 -30.13 -12.38
N VAL C 6 -32.00 -29.49 -12.07
CA VAL C 6 -30.74 -29.80 -12.74
C VAL C 6 -29.72 -30.26 -11.70
N PHE C 7 -29.07 -31.38 -11.98
CA PHE C 7 -28.04 -31.94 -11.11
C PHE C 7 -26.69 -31.74 -11.79
N PHE C 8 -25.72 -31.23 -11.04
CA PHE C 8 -24.38 -31.01 -11.57
C PHE C 8 -23.36 -31.86 -10.79
N ASP C 9 -22.34 -32.35 -11.47
CA ASP C 9 -21.28 -33.07 -10.77
C ASP C 9 -20.23 -31.97 -10.66
N ILE C 10 -19.18 -32.19 -9.89
CA ILE C 10 -18.14 -31.18 -9.71
C ILE C 10 -17.04 -31.19 -10.79
N ASP C 11 -16.12 -32.14 -10.71
CA ASP C 11 -15.01 -32.26 -11.65
C ASP C 11 -15.31 -32.09 -13.14
N GLY C 12 -14.67 -31.09 -13.74
CA GLY C 12 -14.85 -30.84 -15.17
C GLY C 12 -16.22 -30.28 -15.51
N THR C 13 -17.10 -30.15 -14.54
CA THR C 13 -18.45 -29.65 -14.77
C THR C 13 -18.65 -28.26 -14.16
N LEU C 14 -18.76 -28.20 -12.83
CA LEU C 14 -18.91 -26.91 -12.16
C LEU C 14 -17.54 -26.24 -12.08
N LEU C 15 -16.51 -27.02 -11.78
CA LEU C 15 -15.15 -26.49 -11.68
C LEU C 15 -14.33 -26.85 -12.91
N ASP C 16 -13.42 -25.96 -13.30
CA ASP C 16 -12.58 -26.19 -14.46
C ASP C 16 -11.32 -26.97 -14.05
N GLU C 17 -10.34 -27.02 -14.94
CA GLU C 17 -9.10 -27.76 -14.67
C GLU C 17 -8.31 -27.19 -13.49
N GLN C 18 -8.43 -25.90 -13.26
CA GLN C 18 -7.72 -25.26 -12.14
C GLN C 18 -8.53 -25.36 -10.85
N LYS C 19 -9.63 -26.09 -10.91
CA LYS C 19 -10.51 -26.27 -9.76
C LYS C 19 -11.21 -24.96 -9.40
N GLN C 20 -11.31 -24.06 -10.37
CA GLN C 20 -11.96 -22.77 -10.16
C GLN C 20 -13.39 -22.77 -10.70
N LEU C 21 -14.21 -21.92 -10.11
CA LEU C 21 -15.61 -21.78 -10.51
C LEU C 21 -15.71 -20.64 -11.53
N PRO C 22 -16.15 -20.94 -12.76
CA PRO C 22 -16.28 -19.92 -13.81
C PRO C 22 -17.36 -18.88 -13.52
N LEU C 23 -17.11 -17.65 -13.95
CA LEU C 23 -18.08 -16.58 -13.76
C LEU C 23 -19.42 -16.94 -14.43
N SER C 24 -19.34 -17.47 -15.64
CA SER C 24 -20.55 -17.85 -16.38
C SER C 24 -21.39 -18.91 -15.68
N THR C 25 -20.73 -19.76 -14.89
CA THR C 25 -21.46 -20.80 -14.17
C THR C 25 -22.27 -20.16 -13.06
N ILE C 26 -21.66 -19.22 -12.33
CA ILE C 26 -22.35 -18.53 -11.25
C ILE C 26 -23.58 -17.85 -11.84
N GLU C 27 -23.43 -17.30 -13.04
CA GLU C 27 -24.52 -16.63 -13.74
C GLU C 27 -25.60 -17.64 -14.09
N ALA C 28 -25.16 -18.79 -14.62
CA ALA C 28 -26.07 -19.86 -14.99
C ALA C 28 -26.95 -20.25 -13.83
N VAL C 29 -26.33 -20.58 -12.70
CA VAL C 29 -27.08 -20.97 -11.50
C VAL C 29 -28.01 -19.84 -11.09
N ARG C 30 -27.55 -18.61 -11.23
CA ARG C 30 -28.37 -17.46 -10.88
C ARG C 30 -29.67 -17.47 -11.67
N ARG C 31 -29.54 -17.39 -13.00
CA ARG C 31 -30.69 -17.39 -13.90
C ARG C 31 -31.55 -18.60 -13.62
N LEU C 32 -30.88 -19.73 -13.45
CA LEU C 32 -31.55 -21.00 -13.20
C LEU C 32 -32.45 -20.91 -11.97
N LYS C 33 -31.98 -20.25 -10.92
CA LYS C 33 -32.76 -20.12 -9.70
C LYS C 33 -33.93 -19.16 -9.82
N GLN C 34 -33.70 -17.99 -10.42
CA GLN C 34 -34.78 -17.01 -10.57
C GLN C 34 -35.82 -17.51 -11.55
N SER C 35 -35.42 -18.44 -12.41
CA SER C 35 -36.31 -19.02 -13.40
C SER C 35 -37.14 -20.14 -12.75
N GLY C 36 -36.93 -20.37 -11.47
CA GLY C 36 -37.67 -21.41 -10.76
C GLY C 36 -37.16 -22.83 -10.92
N VAL C 37 -36.01 -23.01 -11.56
CA VAL C 37 -35.43 -24.34 -11.75
C VAL C 37 -34.59 -24.75 -10.53
N TYR C 38 -34.95 -25.88 -9.92
CA TYR C 38 -34.22 -26.37 -8.75
C TYR C 38 -32.80 -26.78 -9.14
N VAL C 39 -31.81 -26.38 -8.32
CA VAL C 39 -30.41 -26.70 -8.59
C VAL C 39 -29.80 -27.58 -7.51
N ALA C 40 -29.17 -28.68 -7.92
CA ALA C 40 -28.54 -29.58 -6.98
C ALA C 40 -27.28 -30.23 -7.54
N ILE C 41 -26.56 -30.92 -6.68
CA ILE C 41 -25.33 -31.59 -7.05
C ILE C 41 -25.48 -33.08 -6.87
N ALA C 42 -24.82 -33.85 -7.74
CA ALA C 42 -24.82 -35.30 -7.69
C ALA C 42 -23.37 -35.63 -7.98
N THR C 43 -22.68 -36.20 -7.01
CA THR C 43 -21.27 -36.50 -7.17
C THR C 43 -20.79 -37.72 -6.38
N GLY C 44 -19.59 -38.18 -6.73
CA GLY C 44 -19.00 -39.30 -6.04
C GLY C 44 -18.24 -38.79 -4.83
N ARG C 45 -17.92 -37.50 -4.85
CA ARG C 45 -17.18 -36.87 -3.76
C ARG C 45 -17.89 -36.93 -2.44
N ALA C 46 -17.10 -36.89 -1.38
CA ALA C 46 -17.60 -36.91 -0.02
C ALA C 46 -18.10 -35.49 0.25
N PRO C 47 -19.14 -35.33 1.09
CA PRO C 47 -19.65 -33.98 1.38
C PRO C 47 -18.58 -32.94 1.75
N PHE C 48 -17.71 -33.26 2.70
CA PHE C 48 -16.71 -32.29 3.10
C PHE C 48 -15.70 -31.91 2.02
N MSE C 49 -15.68 -32.66 0.93
CA MSE C 49 -14.76 -32.41 -0.17
C MSE C 49 -15.20 -31.36 -1.18
O MSE C 49 -14.41 -30.89 -1.98
CB MSE C 49 -14.43 -33.72 -0.89
CG MSE C 49 -13.63 -34.68 -0.04
SE MSE C 49 -11.82 -34.06 0.30
CE MSE C 49 -12.12 -32.77 1.69
N PHE C 50 -16.48 -30.99 -1.14
CA PHE C 50 -16.99 -29.98 -2.06
C PHE C 50 -17.92 -28.97 -1.36
N GLU C 51 -17.69 -28.79 -0.06
CA GLU C 51 -18.46 -27.87 0.75
C GLU C 51 -18.24 -26.44 0.27
N HIS C 52 -17.03 -26.14 -0.21
CA HIS C 52 -16.76 -24.79 -0.70
C HIS C 52 -17.64 -24.50 -1.92
N VAL C 53 -17.79 -25.47 -2.81
CA VAL C 53 -18.60 -25.27 -4.01
C VAL C 53 -20.05 -24.98 -3.62
N ARG C 54 -20.53 -25.66 -2.59
CA ARG C 54 -21.87 -25.48 -2.11
C ARG C 54 -22.06 -24.09 -1.53
N LYS C 55 -21.12 -23.67 -0.70
CA LYS C 55 -21.20 -22.35 -0.08
C LYS C 55 -21.15 -21.27 -1.16
N GLN C 56 -20.30 -21.48 -2.16
CA GLN C 56 -20.16 -20.52 -3.25
C GLN C 56 -21.42 -20.37 -4.11
N LEU C 57 -22.04 -21.50 -4.46
CA LEU C 57 -23.24 -21.47 -5.29
C LEU C 57 -24.52 -21.47 -4.48
N GLY C 58 -24.40 -21.70 -3.17
CA GLY C 58 -25.58 -21.72 -2.34
C GLY C 58 -26.47 -22.88 -2.68
N ILE C 59 -25.90 -24.08 -2.67
CA ILE C 59 -26.62 -25.32 -2.98
C ILE C 59 -26.62 -26.19 -1.73
N ASP C 60 -27.79 -26.47 -1.18
CA ASP C 60 -27.87 -27.30 0.04
C ASP C 60 -28.61 -28.62 -0.17
N SER C 61 -28.73 -29.04 -1.42
CA SER C 61 -29.37 -30.32 -1.75
C SER C 61 -28.40 -31.04 -2.66
N PHE C 62 -28.05 -32.27 -2.31
CA PHE C 62 -27.09 -32.99 -3.12
C PHE C 62 -27.04 -34.49 -2.91
N VAL C 63 -26.51 -35.17 -3.91
CA VAL C 63 -26.31 -36.60 -3.83
C VAL C 63 -24.79 -36.75 -3.78
N SER C 64 -24.29 -37.29 -2.67
CA SER C 64 -22.86 -37.49 -2.49
C SER C 64 -22.53 -38.95 -2.28
N PHE C 65 -21.23 -39.27 -2.31
CA PHE C 65 -20.76 -40.65 -2.16
C PHE C 65 -21.52 -41.56 -3.13
N ASN C 66 -21.67 -41.07 -4.37
CA ASN C 66 -22.38 -41.79 -5.42
C ASN C 66 -23.75 -42.33 -4.99
N GLY C 67 -24.49 -41.52 -4.25
CA GLY C 67 -25.80 -41.94 -3.80
C GLY C 67 -25.88 -42.47 -2.38
N GLN C 68 -24.74 -42.75 -1.76
CA GLN C 68 -24.74 -43.27 -0.41
C GLN C 68 -25.09 -42.25 0.67
N TYR C 69 -25.08 -40.98 0.31
CA TYR C 69 -25.41 -39.94 1.28
C TYR C 69 -26.12 -38.83 0.51
N VAL C 70 -27.43 -38.72 0.72
CA VAL C 70 -28.22 -37.71 0.02
C VAL C 70 -28.81 -36.72 0.99
N VAL C 71 -28.62 -35.44 0.69
CA VAL C 71 -29.11 -34.38 1.54
C VAL C 71 -30.08 -33.47 0.80
N PHE C 72 -31.26 -33.31 1.39
CA PHE C 72 -32.26 -32.45 0.81
C PHE C 72 -32.45 -31.20 1.66
N GLU C 73 -32.12 -30.06 1.09
CA GLU C 73 -32.22 -28.78 1.77
C GLU C 73 -31.69 -28.77 3.19
N GLY C 74 -30.42 -29.13 3.33
CA GLY C 74 -29.78 -29.14 4.63
C GLY C 74 -30.04 -30.34 5.53
N ASN C 75 -30.91 -31.25 5.12
CA ASN C 75 -31.22 -32.42 5.94
C ASN C 75 -30.85 -33.73 5.28
N VAL C 76 -30.51 -34.73 6.08
CA VAL C 76 -30.16 -36.00 5.51
C VAL C 76 -31.44 -36.67 5.06
N LEU C 77 -31.52 -36.93 3.76
CA LEU C 77 -32.70 -37.59 3.19
C LEU C 77 -32.49 -39.09 3.22
N TYR C 78 -31.27 -39.50 2.90
CA TYR C 78 -30.94 -40.92 2.88
C TYR C 78 -29.45 -41.14 3.14
N LYS C 79 -29.14 -42.25 3.80
CA LYS C 79 -27.76 -42.58 4.10
C LYS C 79 -27.57 -44.09 4.22
N GLN C 80 -26.57 -44.60 3.51
CA GLN C 80 -26.26 -46.02 3.53
C GLN C 80 -24.75 -46.22 3.65
N PRO C 81 -24.25 -46.27 4.89
CA PRO C 81 -22.81 -46.47 5.13
C PRO C 81 -22.42 -47.94 5.00
N LEU C 82 -21.13 -48.19 4.82
CA LEU C 82 -20.61 -49.56 4.71
C LEU C 82 -20.93 -50.32 5.99
N ARG C 83 -21.10 -51.64 5.88
CA ARG C 83 -21.37 -52.45 7.08
C ARG C 83 -20.14 -52.39 7.98
N ARG C 84 -20.34 -52.00 9.23
CA ARG C 84 -19.23 -51.89 10.18
C ARG C 84 -18.40 -53.16 10.25
N GLU C 85 -19.07 -54.31 10.30
CA GLU C 85 -18.40 -55.60 10.37
C GLU C 85 -17.38 -55.70 9.24
N LYS C 86 -17.78 -55.33 8.03
CA LYS C 86 -16.88 -55.40 6.89
C LYS C 86 -15.75 -54.38 6.93
N VAL C 87 -16.04 -53.17 7.40
CA VAL C 87 -14.99 -52.16 7.48
C VAL C 87 -13.94 -52.68 8.45
N ARG C 88 -14.39 -53.23 9.56
CA ARG C 88 -13.47 -53.77 10.56
C ARG C 88 -12.55 -54.83 9.94
N ALA C 89 -13.17 -55.87 9.37
CA ALA C 89 -12.45 -56.97 8.74
C ALA C 89 -11.40 -56.43 7.77
N LEU C 90 -11.81 -55.46 6.96
CA LEU C 90 -10.90 -54.87 5.98
C LEU C 90 -9.74 -54.21 6.72
N THR C 91 -10.07 -53.50 7.80
CA THR C 91 -9.06 -52.82 8.59
C THR C 91 -8.05 -53.82 9.11
N GLU C 92 -8.54 -54.84 9.80
CA GLU C 92 -7.67 -55.85 10.36
C GLU C 92 -6.85 -56.53 9.27
N GLU C 93 -7.47 -56.80 8.13
CA GLU C 93 -6.73 -57.46 7.06
C GLU C 93 -5.66 -56.53 6.47
N ALA C 94 -6.00 -55.26 6.29
CA ALA C 94 -5.05 -54.29 5.76
C ALA C 94 -3.89 -54.13 6.76
N HIS C 95 -4.21 -54.24 8.04
CA HIS C 95 -3.21 -54.12 9.09
C HIS C 95 -2.16 -55.21 8.92
N LYS C 96 -2.60 -56.46 8.99
CA LYS C 96 -1.70 -57.59 8.84
C LYS C 96 -0.75 -57.39 7.67
N ASN C 97 -1.24 -56.78 6.59
CA ASN C 97 -0.41 -56.57 5.42
C ASN C 97 0.43 -55.29 5.42
N GLY C 98 0.29 -54.48 6.46
CA GLY C 98 1.05 -53.25 6.53
C GLY C 98 0.51 -52.16 5.62
N HIS C 99 -0.68 -52.39 5.08
CA HIS C 99 -1.32 -51.39 4.22
C HIS C 99 -2.24 -50.44 4.99
N PRO C 100 -1.98 -49.14 4.90
CA PRO C 100 -2.90 -48.28 5.67
C PRO C 100 -4.26 -48.05 4.99
N LEU C 101 -5.19 -47.50 5.76
CA LEU C 101 -6.52 -47.18 5.27
C LEU C 101 -6.91 -45.79 5.77
N VAL C 102 -7.75 -45.10 5.00
CA VAL C 102 -8.26 -43.81 5.43
C VAL C 102 -9.77 -43.97 5.45
N PHE C 103 -10.39 -43.60 6.55
CA PHE C 103 -11.83 -43.72 6.70
C PHE C 103 -12.52 -42.39 6.43
N MSE C 104 -13.55 -42.40 5.59
CA MSE C 104 -14.29 -41.19 5.26
C MSE C 104 -15.73 -41.27 5.70
O MSE C 104 -16.45 -42.20 5.33
CB MSE C 104 -14.31 -40.93 3.76
CG MSE C 104 -12.97 -40.81 3.11
SE MSE C 104 -13.23 -40.48 1.22
CE MSE C 104 -12.92 -38.57 1.19
N ASP C 105 -16.18 -40.30 6.49
CA ASP C 105 -17.59 -40.26 6.86
C ASP C 105 -18.09 -38.98 6.21
N ALA C 106 -19.28 -38.50 6.53
CA ALA C 106 -19.77 -37.30 5.87
C ALA C 106 -19.04 -36.02 6.23
N GLU C 107 -18.25 -36.05 7.30
CA GLU C 107 -17.54 -34.84 7.73
C GLU C 107 -16.03 -34.79 7.57
N LYS C 108 -15.34 -35.92 7.70
CA LYS C 108 -13.88 -35.89 7.62
C LYS C 108 -13.25 -37.23 7.31
N MSE C 109 -11.93 -37.25 7.29
CA MSE C 109 -11.16 -38.46 7.01
C MSE C 109 -10.21 -38.73 8.16
O MSE C 109 -9.81 -37.81 8.87
CB MSE C 109 -10.28 -38.29 5.77
CG MSE C 109 -10.97 -37.91 4.53
SE MSE C 109 -9.60 -37.56 3.24
CE MSE C 109 -9.50 -35.64 3.37
N ARG C 110 -9.85 -39.99 8.31
CA ARG C 110 -8.91 -40.41 9.34
C ARG C 110 -8.07 -41.57 8.82
N ALA C 111 -6.79 -41.54 9.12
CA ALA C 111 -5.88 -42.59 8.69
C ALA C 111 -5.72 -43.62 9.81
N SER C 112 -5.46 -44.86 9.42
CA SER C 112 -5.28 -45.95 10.37
C SER C 112 -3.81 -46.00 10.79
N ILE C 113 -2.97 -45.34 9.98
CA ILE C 113 -1.54 -45.27 10.25
C ILE C 113 -1.06 -43.85 9.94
N GLY C 114 -0.37 -43.22 10.89
CA GLY C 114 0.11 -41.88 10.67
C GLY C 114 1.47 -41.78 9.97
N ASP C 115 1.75 -40.61 9.41
CA ASP C 115 3.02 -40.36 8.74
C ASP C 115 3.44 -41.51 7.81
N HIS C 116 2.48 -42.07 7.06
CA HIS C 116 2.80 -43.17 6.13
C HIS C 116 3.11 -42.61 4.74
N PRO C 117 4.23 -43.08 4.11
CA PRO C 117 4.69 -42.65 2.78
C PRO C 117 3.68 -42.73 1.66
N HIS C 118 2.87 -43.76 1.60
CA HIS C 118 1.90 -43.82 0.49
C HIS C 118 0.79 -42.80 0.65
N ILE C 119 0.35 -42.61 1.88
CA ILE C 119 -0.69 -41.62 2.13
C ILE C 119 -0.11 -40.23 1.79
N HIS C 120 1.11 -39.91 2.23
CA HIS C 120 1.67 -38.60 1.90
C HIS C 120 1.62 -38.30 0.43
N VAL C 121 2.34 -39.10 -0.34
CA VAL C 121 2.44 -38.91 -1.79
C VAL C 121 1.11 -38.84 -2.53
N SER C 122 0.24 -39.82 -2.33
CA SER C 122 -1.03 -39.82 -3.03
C SER C 122 -1.92 -38.66 -2.61
N MSE C 123 -2.11 -38.49 -1.30
CA MSE C 123 -2.95 -37.40 -0.80
C MSE C 123 -2.41 -36.06 -1.26
O MSE C 123 -3.17 -35.12 -1.53
CB MSE C 123 -3.04 -37.44 0.72
CG MSE C 123 -3.76 -38.65 1.28
SE MSE C 123 -5.50 -38.91 0.47
CE MSE C 123 -6.42 -37.42 1.29
N ALA C 124 -1.09 -35.95 -1.35
CA ALA C 124 -0.50 -34.70 -1.78
C ALA C 124 -0.84 -34.46 -3.25
N SER C 125 -0.94 -35.54 -4.01
CA SER C 125 -1.27 -35.41 -5.43
C SER C 125 -2.63 -34.76 -5.54
N LEU C 126 -3.47 -35.00 -4.52
CA LEU C 126 -4.82 -34.45 -4.45
C LEU C 126 -4.74 -33.05 -3.83
N LYS C 127 -3.54 -32.63 -3.45
CA LYS C 127 -3.31 -31.33 -2.82
C LYS C 127 -3.86 -31.32 -1.39
N PHE C 128 -3.77 -32.47 -0.74
CA PHE C 128 -4.23 -32.62 0.65
C PHE C 128 -3.13 -33.12 1.54
N ALA C 129 -3.20 -32.75 2.81
CA ALA C 129 -2.23 -33.18 3.78
C ALA C 129 -2.59 -34.56 4.32
N HIS C 130 -1.64 -35.20 4.99
CA HIS C 130 -1.90 -36.51 5.55
C HIS C 130 -3.03 -36.40 6.58
N PRO C 131 -4.11 -37.20 6.42
CA PRO C 131 -5.19 -37.09 7.40
C PRO C 131 -4.75 -37.43 8.83
N PRO C 132 -5.40 -36.80 9.82
CA PRO C 132 -5.03 -37.08 11.22
C PRO C 132 -5.20 -38.57 11.47
N VAL C 133 -4.40 -39.13 12.37
CA VAL C 133 -4.48 -40.56 12.65
C VAL C 133 -5.54 -40.96 13.68
N ASP C 134 -6.28 -42.02 13.38
CA ASP C 134 -7.31 -42.53 14.27
C ASP C 134 -7.70 -43.92 13.77
N PRO C 135 -6.91 -44.94 14.12
CA PRO C 135 -7.10 -46.34 13.73
C PRO C 135 -8.46 -46.95 14.07
N LEU C 136 -9.17 -46.37 15.03
CA LEU C 136 -10.46 -46.93 15.41
C LEU C 136 -11.60 -45.97 15.14
N TYR C 137 -11.39 -45.06 14.19
CA TYR C 137 -12.39 -44.08 13.84
C TYR C 137 -13.70 -44.69 13.35
N TYR C 138 -13.60 -45.83 12.66
CA TYR C 138 -14.78 -46.51 12.12
C TYR C 138 -15.69 -47.11 13.19
N GLU C 139 -15.16 -47.32 14.38
CA GLU C 139 -15.92 -47.94 15.47
C GLU C 139 -17.27 -47.27 15.81
N ASN C 140 -17.28 -45.96 15.93
CA ASN C 140 -18.52 -45.26 16.27
C ASN C 140 -18.83 -44.16 15.27
N LYS C 141 -18.60 -44.46 13.99
CA LYS C 141 -18.85 -43.51 12.92
C LYS C 141 -19.42 -44.22 11.68
N ASP C 142 -20.06 -43.45 10.81
CA ASP C 142 -20.62 -44.01 9.60
C ASP C 142 -19.59 -43.83 8.49
N ILE C 143 -18.91 -44.92 8.15
CA ILE C 143 -17.90 -44.86 7.13
C ILE C 143 -18.54 -45.18 5.77
N TYR C 144 -18.63 -44.18 4.91
CA TYR C 144 -19.23 -44.35 3.60
C TYR C 144 -18.22 -44.81 2.59
N GLN C 145 -16.95 -44.55 2.85
CA GLN C 145 -15.90 -44.92 1.92
C GLN C 145 -14.57 -45.09 2.62
N ALA C 146 -13.65 -45.80 1.98
CA ALA C 146 -12.33 -46.01 2.53
C ALA C 146 -11.31 -45.86 1.41
N LEU C 147 -10.06 -45.63 1.78
CA LEU C 147 -8.99 -45.52 0.82
C LEU C 147 -7.98 -46.57 1.25
N LEU C 148 -7.64 -47.47 0.34
CA LEU C 148 -6.69 -48.53 0.64
C LEU C 148 -5.38 -48.14 -0.03
N PHE C 149 -4.32 -47.98 0.77
CA PHE C 149 -3.04 -47.59 0.22
C PHE C 149 -2.11 -48.76 -0.01
N CYS C 150 -2.16 -49.29 -1.23
CA CYS C 150 -1.34 -50.40 -1.64
C CYS C 150 -1.22 -50.31 -3.15
N ARG C 151 -0.26 -51.04 -3.70
CA ARG C 151 -0.05 -51.03 -5.13
C ARG C 151 -1.02 -52.00 -5.78
N ALA C 152 -1.23 -51.84 -7.08
CA ALA C 152 -2.14 -52.70 -7.82
C ALA C 152 -1.75 -54.18 -7.66
N GLU C 153 -0.45 -54.45 -7.74
CA GLU C 153 0.04 -55.81 -7.62
C GLU C 153 -0.30 -56.44 -6.27
N GLU C 154 -0.89 -55.67 -5.37
CA GLU C 154 -1.24 -56.18 -4.04
C GLU C 154 -2.73 -56.27 -3.73
N GLU C 155 -3.57 -55.62 -4.53
CA GLU C 155 -5.01 -55.62 -4.28
C GLU C 155 -5.76 -56.94 -4.40
N GLU C 156 -5.21 -57.85 -5.19
CA GLU C 156 -5.82 -59.16 -5.41
C GLU C 156 -6.58 -59.74 -4.21
N PRO C 157 -5.90 -59.98 -3.08
CA PRO C 157 -6.58 -60.54 -1.91
C PRO C 157 -7.78 -59.71 -1.43
N TYR C 158 -7.60 -58.38 -1.41
CA TYR C 158 -8.65 -57.47 -0.96
C TYR C 158 -9.87 -57.62 -1.86
N VAL C 159 -9.64 -57.52 -3.16
CA VAL C 159 -10.71 -57.65 -4.14
C VAL C 159 -11.41 -58.99 -3.90
N ARG C 160 -10.62 -60.05 -3.87
CA ARG C 160 -11.11 -61.41 -3.65
C ARG C 160 -11.92 -61.59 -2.36
N ASN C 161 -11.44 -61.05 -1.24
CA ASN C 161 -12.12 -61.23 0.04
C ASN C 161 -13.26 -60.28 0.34
N TYR C 162 -13.44 -59.26 -0.49
CA TYR C 162 -14.51 -58.32 -0.25
C TYR C 162 -15.34 -58.04 -1.51
N PRO C 163 -16.11 -59.04 -1.94
CA PRO C 163 -16.96 -58.94 -3.14
C PRO C 163 -18.03 -57.86 -2.96
N GLU C 164 -18.39 -57.60 -1.71
CA GLU C 164 -19.39 -56.57 -1.40
C GLU C 164 -18.80 -55.18 -1.56
N PHE C 165 -17.52 -55.11 -1.93
CA PHE C 165 -16.84 -53.84 -2.14
C PHE C 165 -16.36 -53.74 -3.60
N ARG C 166 -16.07 -52.53 -4.03
CA ARG C 166 -15.56 -52.30 -5.37
C ARG C 166 -14.31 -51.45 -5.24
N PHE C 167 -13.28 -51.78 -6.01
CA PHE C 167 -12.03 -51.05 -5.92
C PHE C 167 -11.73 -50.30 -7.21
N VAL C 168 -11.57 -48.99 -7.09
CA VAL C 168 -11.27 -48.16 -8.24
C VAL C 168 -10.00 -47.36 -7.95
N ARG C 169 -8.90 -47.79 -8.54
CA ARG C 169 -7.61 -47.14 -8.33
C ARG C 169 -7.54 -45.73 -8.91
N TRP C 170 -6.97 -44.81 -8.15
CA TRP C 170 -6.83 -43.44 -8.61
C TRP C 170 -5.38 -42.97 -8.46
N HIS C 171 -4.51 -43.85 -7.98
CA HIS C 171 -3.11 -43.50 -7.80
C HIS C 171 -2.26 -44.76 -7.70
N ASP C 172 -0.98 -44.65 -8.04
CA ASP C 172 -0.08 -45.80 -7.96
C ASP C 172 -0.17 -46.51 -6.61
N VAL C 173 -0.26 -45.76 -5.53
CA VAL C 173 -0.32 -46.37 -4.20
C VAL C 173 -1.61 -46.16 -3.41
N SER C 174 -2.71 -45.92 -4.11
CA SER C 174 -3.99 -45.73 -3.40
C SER C 174 -5.17 -46.04 -4.31
N THR C 175 -6.20 -46.64 -3.72
CA THR C 175 -7.41 -47.00 -4.45
C THR C 175 -8.64 -46.75 -3.59
N ASP C 176 -9.74 -46.35 -4.22
CA ASP C 176 -10.98 -46.12 -3.48
C ASP C 176 -11.68 -47.45 -3.18
N VAL C 177 -12.18 -47.58 -1.97
CA VAL C 177 -12.91 -48.77 -1.56
C VAL C 177 -14.37 -48.34 -1.48
N LEU C 178 -15.16 -48.73 -2.47
CA LEU C 178 -16.57 -48.34 -2.54
C LEU C 178 -17.54 -49.46 -2.31
N PRO C 179 -18.79 -49.10 -1.94
CA PRO C 179 -19.83 -50.12 -1.72
C PRO C 179 -20.31 -50.60 -3.09
N ALA C 180 -20.69 -51.87 -3.18
CA ALA C 180 -21.16 -52.43 -4.45
C ALA C 180 -22.51 -51.83 -4.86
N GLY C 181 -23.43 -51.71 -3.92
CA GLY C 181 -24.74 -51.15 -4.23
C GLY C 181 -24.72 -49.63 -4.27
N GLY C 182 -25.86 -49.04 -4.64
CA GLY C 182 -25.97 -47.60 -4.70
C GLY C 182 -25.50 -47.00 -6.02
N SER C 183 -26.00 -45.80 -6.29
CA SER C 183 -25.67 -45.06 -7.51
C SER C 183 -26.22 -43.64 -7.44
N LYS C 184 -25.71 -42.76 -8.29
CA LYS C 184 -26.18 -41.39 -8.31
C LYS C 184 -27.62 -41.36 -8.80
N ALA C 185 -27.95 -42.24 -9.76
CA ALA C 185 -29.29 -42.30 -10.30
C ALA C 185 -30.30 -42.65 -9.21
N GLU C 186 -29.90 -43.54 -8.31
CA GLU C 186 -30.75 -43.96 -7.22
C GLU C 186 -30.88 -42.80 -6.23
N GLY C 187 -29.85 -41.97 -6.16
CA GLY C 187 -29.87 -40.83 -5.27
C GLY C 187 -30.78 -39.79 -5.86
N ILE C 188 -30.65 -39.57 -7.17
CA ILE C 188 -31.46 -38.59 -7.89
C ILE C 188 -32.92 -39.04 -7.86
N ARG C 189 -33.15 -40.33 -8.10
CA ARG C 189 -34.49 -40.89 -8.09
C ARG C 189 -35.13 -40.54 -6.76
N MSE C 190 -34.39 -40.77 -5.67
CA MSE C 190 -34.88 -40.51 -4.33
C MSE C 190 -35.26 -39.07 -4.05
O MSE C 190 -36.22 -38.78 -3.34
CB MSE C 190 -33.86 -40.94 -3.30
CG MSE C 190 -33.68 -42.42 -3.20
SE MSE C 190 -32.66 -42.84 -1.63
CE MSE C 190 -32.50 -44.76 -1.85
N MSE C 191 -34.50 -38.14 -4.62
CA MSE C 191 -34.78 -36.74 -4.35
C MSE C 191 -35.90 -36.14 -5.17
O MSE C 191 -36.64 -35.29 -4.69
CB MSE C 191 -33.53 -35.91 -4.52
CG MSE C 191 -33.67 -34.59 -3.84
SE MSE C 191 -32.14 -33.52 -4.07
CE MSE C 191 -31.10 -34.18 -2.58
N ILE C 192 -36.03 -36.57 -6.43
CA ILE C 192 -37.09 -36.04 -7.26
C ILE C 192 -38.43 -36.55 -6.74
N GLU C 193 -38.42 -37.71 -6.08
CA GLU C 193 -39.63 -38.24 -5.51
C GLU C 193 -40.09 -37.32 -4.39
N LYS C 194 -39.16 -36.97 -3.50
CA LYS C 194 -39.42 -36.08 -2.37
C LYS C 194 -39.84 -34.69 -2.87
N LEU C 195 -39.37 -34.35 -4.06
CA LEU C 195 -39.64 -33.05 -4.66
C LEU C 195 -40.89 -33.10 -5.55
N GLY C 196 -41.38 -34.31 -5.80
CA GLY C 196 -42.54 -34.46 -6.64
C GLY C 196 -42.21 -34.19 -8.10
N ILE C 197 -40.94 -34.23 -8.44
CA ILE C 197 -40.53 -33.98 -9.82
C ILE C 197 -40.49 -35.30 -10.59
N ASP C 198 -40.70 -35.19 -11.90
CA ASP C 198 -40.73 -36.35 -12.77
C ASP C 198 -39.46 -36.52 -13.57
N LYS C 199 -38.99 -37.76 -13.67
CA LYS C 199 -37.78 -38.12 -14.40
C LYS C 199 -37.55 -37.28 -15.65
N LYS C 200 -38.59 -37.10 -16.46
CA LYS C 200 -38.48 -36.34 -17.70
C LYS C 200 -38.10 -34.88 -17.51
N ASP C 201 -38.36 -34.35 -16.32
CA ASP C 201 -38.05 -32.96 -16.00
C ASP C 201 -36.72 -32.79 -15.28
N VAL C 202 -35.87 -33.81 -15.34
CA VAL C 202 -34.57 -33.76 -14.68
C VAL C 202 -33.42 -33.67 -15.69
N TYR C 203 -32.46 -32.81 -15.39
CA TYR C 203 -31.29 -32.61 -16.23
C TYR C 203 -30.05 -32.93 -15.40
N ALA C 204 -28.95 -33.30 -16.06
CA ALA C 204 -27.72 -33.58 -15.35
C ALA C 204 -26.51 -33.30 -16.23
N PHE C 205 -25.48 -32.72 -15.61
CA PHE C 205 -24.24 -32.40 -16.30
C PHE C 205 -23.14 -33.23 -15.65
N GLY C 206 -22.34 -33.90 -16.47
CA GLY C 206 -21.28 -34.73 -15.94
C GLY C 206 -20.10 -34.69 -16.89
N ASP C 207 -18.97 -35.23 -16.44
CA ASP C 207 -17.77 -35.23 -17.26
C ASP C 207 -17.04 -36.56 -17.30
N GLY C 208 -17.19 -37.38 -16.27
CA GLY C 208 -16.47 -38.64 -16.24
C GLY C 208 -17.25 -39.93 -16.38
N LEU C 209 -16.52 -41.02 -16.61
CA LEU C 209 -17.11 -42.35 -16.76
C LEU C 209 -18.12 -42.63 -15.68
N ASN C 210 -17.83 -42.14 -14.48
CA ASN C 210 -18.69 -42.31 -13.31
C ASN C 210 -20.05 -41.63 -13.45
N ASP C 211 -20.18 -40.71 -14.40
CA ASP C 211 -21.44 -40.00 -14.62
C ASP C 211 -22.36 -40.66 -15.63
N ILE C 212 -21.87 -41.71 -16.30
CA ILE C 212 -22.66 -42.40 -17.30
C ILE C 212 -24.01 -42.86 -16.75
N GLU C 213 -24.00 -43.60 -15.64
CA GLU C 213 -25.25 -44.07 -15.03
C GLU C 213 -26.25 -42.93 -14.87
N MSE C 214 -25.77 -41.79 -14.38
CA MSE C 214 -26.59 -40.61 -14.15
C MSE C 214 -27.14 -40.00 -15.43
O MSE C 214 -28.34 -39.85 -15.61
CB MSE C 214 -25.79 -39.56 -13.39
CG MSE C 214 -26.53 -38.25 -13.16
SE MSE C 214 -25.49 -36.96 -12.15
CE MSE C 214 -24.45 -36.19 -13.60
N LEU C 215 -26.24 -39.62 -16.34
CA LEU C 215 -26.64 -39.03 -17.61
C LEU C 215 -27.64 -39.93 -18.32
N SER C 216 -27.54 -41.22 -18.08
CA SER C 216 -28.42 -42.21 -18.70
C SER C 216 -29.82 -42.23 -18.07
N PHE C 217 -29.87 -42.10 -16.76
CA PHE C 217 -31.12 -42.12 -16.04
C PHE C 217 -32.02 -40.89 -16.13
N VAL C 218 -31.42 -39.70 -16.08
CA VAL C 218 -32.22 -38.48 -16.15
C VAL C 218 -32.84 -38.32 -17.52
N GLY C 219 -33.87 -37.49 -17.61
CA GLY C 219 -34.53 -37.26 -18.88
C GLY C 219 -33.65 -36.54 -19.88
N THR C 220 -32.72 -35.73 -19.38
CA THR C 220 -31.83 -34.99 -20.25
C THR C 220 -30.43 -34.96 -19.67
N GLY C 221 -29.58 -35.85 -20.15
CA GLY C 221 -28.21 -35.90 -19.68
C GLY C 221 -27.31 -35.09 -20.58
N VAL C 222 -26.49 -34.24 -19.99
CA VAL C 222 -25.58 -33.40 -20.75
C VAL C 222 -24.14 -33.77 -20.45
N ALA C 223 -23.38 -34.03 -21.49
CA ALA C 223 -21.97 -34.36 -21.34
C ALA C 223 -21.15 -33.12 -21.67
N MSE C 224 -20.05 -32.93 -20.95
CA MSE C 224 -19.19 -31.77 -21.18
C MSE C 224 -18.36 -31.95 -22.45
O MSE C 224 -18.15 -33.08 -22.91
CB MSE C 224 -18.27 -31.54 -19.98
CG MSE C 224 -18.99 -31.28 -18.66
SE MSE C 224 -20.22 -29.76 -18.68
CE MSE C 224 -18.93 -28.34 -18.97
N GLY C 225 -17.91 -30.83 -23.00
CA GLY C 225 -17.12 -30.84 -24.23
C GLY C 225 -16.02 -31.87 -24.42
N ASN C 226 -15.13 -32.01 -23.46
CA ASN C 226 -14.04 -32.98 -23.60
C ASN C 226 -14.24 -34.23 -22.77
N ALA C 227 -15.48 -34.50 -22.39
CA ALA C 227 -15.78 -35.70 -21.61
C ALA C 227 -15.37 -36.94 -22.41
N HIS C 228 -15.23 -38.07 -21.72
CA HIS C 228 -14.85 -39.31 -22.38
C HIS C 228 -15.86 -39.68 -23.47
N GLU C 229 -15.37 -40.27 -24.56
CA GLU C 229 -16.27 -40.63 -25.64
C GLU C 229 -17.46 -41.47 -25.17
N GLU C 230 -17.26 -42.36 -24.21
CA GLU C 230 -18.37 -43.19 -23.74
C GLU C 230 -19.37 -42.43 -22.88
N VAL C 231 -18.99 -41.23 -22.46
CA VAL C 231 -19.87 -40.40 -21.65
C VAL C 231 -20.77 -39.63 -22.59
N LYS C 232 -20.20 -39.13 -23.68
CA LYS C 232 -20.95 -38.41 -24.68
C LYS C 232 -21.94 -39.34 -25.35
N ARG C 233 -21.54 -40.60 -25.55
CA ARG C 233 -22.42 -41.55 -26.21
C ARG C 233 -23.77 -41.70 -25.54
N VAL C 234 -23.79 -41.76 -24.21
CA VAL C 234 -25.06 -41.92 -23.50
C VAL C 234 -25.77 -40.60 -23.22
N ALA C 235 -25.16 -39.49 -23.58
CA ALA C 235 -25.74 -38.18 -23.34
C ALA C 235 -26.76 -37.73 -24.40
N ASP C 236 -27.75 -36.96 -23.96
CA ASP C 236 -28.78 -36.45 -24.85
C ASP C 236 -28.30 -35.17 -25.53
N PHE C 237 -27.16 -34.66 -25.06
CA PHE C 237 -26.59 -33.45 -25.62
C PHE C 237 -25.15 -33.27 -25.14
N VAL C 238 -24.30 -32.82 -26.05
CA VAL C 238 -22.89 -32.58 -25.75
C VAL C 238 -22.67 -31.08 -25.82
N THR C 239 -22.27 -30.48 -24.71
CA THR C 239 -22.05 -29.04 -24.67
C THR C 239 -20.56 -28.73 -24.81
N LYS C 240 -20.21 -27.45 -24.71
CA LYS C 240 -18.82 -27.03 -24.81
C LYS C 240 -18.09 -27.43 -23.53
N PRO C 241 -16.75 -27.31 -23.50
CA PRO C 241 -15.99 -27.68 -22.30
C PRO C 241 -16.24 -26.71 -21.15
N VAL C 242 -15.99 -27.15 -19.93
CA VAL C 242 -16.20 -26.29 -18.76
C VAL C 242 -15.37 -25.03 -18.95
N ASP C 243 -14.30 -25.21 -19.73
CA ASP C 243 -13.34 -24.18 -20.06
C ASP C 243 -13.93 -23.08 -20.96
N LYS C 244 -15.00 -23.41 -21.68
CA LYS C 244 -15.62 -22.45 -22.59
C LYS C 244 -17.09 -22.15 -22.34
N GLU C 245 -17.45 -21.94 -21.08
CA GLU C 245 -18.83 -21.63 -20.69
C GLU C 245 -19.78 -22.77 -20.99
N GLY C 246 -19.28 -24.00 -20.93
CA GLY C 246 -20.10 -25.16 -21.21
C GLY C 246 -21.41 -25.24 -20.45
N ILE C 247 -21.39 -24.92 -19.16
CA ILE C 247 -22.62 -24.99 -18.37
C ILE C 247 -23.61 -23.92 -18.83
N TRP C 248 -23.11 -22.71 -19.06
CA TRP C 248 -23.97 -21.61 -19.51
C TRP C 248 -24.55 -21.90 -20.90
N TYR C 249 -23.67 -22.18 -21.85
CA TYR C 249 -24.09 -22.47 -23.21
C TYR C 249 -25.07 -23.63 -23.20
N GLY C 250 -24.74 -24.67 -22.45
CA GLY C 250 -25.61 -25.83 -22.39
C GLY C 250 -27.00 -25.49 -21.91
N LEU C 251 -27.08 -24.79 -20.80
CA LEU C 251 -28.37 -24.43 -20.23
C LEU C 251 -29.16 -23.54 -21.17
N LYS C 252 -28.45 -22.76 -21.98
CA LYS C 252 -29.09 -21.86 -22.92
C LYS C 252 -29.75 -22.67 -24.03
N GLN C 253 -28.95 -23.50 -24.69
CA GLN C 253 -29.43 -24.36 -25.77
C GLN C 253 -30.60 -25.22 -25.31
N LEU C 254 -30.58 -25.64 -24.05
CA LEU C 254 -31.67 -26.48 -23.55
C LEU C 254 -32.87 -25.61 -23.18
N GLN C 255 -32.70 -24.32 -23.37
CA GLN C 255 -33.72 -23.32 -23.08
C GLN C 255 -34.14 -23.28 -21.62
N LEU C 256 -33.22 -23.61 -20.71
CA LEU C 256 -33.52 -23.56 -19.29
C LEU C 256 -33.31 -22.14 -18.78
N ILE C 257 -32.40 -21.42 -19.44
CA ILE C 257 -32.14 -20.03 -19.10
C ILE C 257 -32.14 -19.22 -20.39
N MSE D 1 36.56 36.80 -25.29
CA MSE D 1 37.35 37.54 -24.27
C MSE D 1 36.88 37.34 -22.83
O MSE D 1 37.53 36.63 -22.06
CB MSE D 1 37.33 39.04 -24.57
CG MSE D 1 38.38 39.49 -25.57
SE MSE D 1 38.52 41.41 -25.65
CE MSE D 1 39.40 41.73 -23.95
N GLY D 2 35.75 37.95 -22.48
CA GLY D 2 35.24 37.85 -21.12
C GLY D 2 34.12 36.86 -20.86
N ARG D 3 33.71 36.79 -19.60
CA ARG D 3 32.65 35.90 -19.17
C ARG D 3 31.28 36.55 -19.35
N LYS D 4 30.25 35.72 -19.48
CA LYS D 4 28.89 36.19 -19.61
C LYS D 4 28.16 35.68 -18.36
N ILE D 5 27.10 36.37 -17.97
CA ILE D 5 26.35 35.94 -16.80
C ILE D 5 24.89 36.22 -17.07
N VAL D 6 24.02 35.35 -16.56
CA VAL D 6 22.59 35.53 -16.73
C VAL D 6 21.93 35.51 -15.35
N PHE D 7 21.12 36.52 -15.08
CA PHE D 7 20.40 36.65 -13.82
C PHE D 7 18.93 36.28 -14.01
N PHE D 8 18.35 35.62 -13.01
CA PHE D 8 16.95 35.18 -13.09
C PHE D 8 16.18 35.56 -11.83
N ASP D 9 14.98 36.09 -12.01
CA ASP D 9 14.14 36.40 -10.88
C ASP D 9 13.47 35.03 -10.65
N ILE D 10 12.86 34.80 -9.50
CA ILE D 10 12.26 33.50 -9.23
C ILE D 10 10.84 33.26 -9.76
N ASP D 11 9.83 33.82 -9.08
CA ASP D 11 8.44 33.62 -9.50
C ASP D 11 8.08 34.26 -10.83
N GLY D 12 7.49 33.46 -11.72
CA GLY D 12 7.11 33.95 -13.02
C GLY D 12 8.23 33.80 -14.03
N THR D 13 9.45 33.60 -13.55
CA THR D 13 10.60 33.45 -14.44
C THR D 13 11.16 32.03 -14.39
N LEU D 14 11.57 31.58 -13.22
CA LEU D 14 12.09 30.23 -13.08
C LEU D 14 10.95 29.29 -12.76
N LEU D 15 9.99 29.77 -11.98
CA LEU D 15 8.83 28.98 -11.60
C LEU D 15 7.58 29.54 -12.26
N ASP D 16 6.74 28.64 -12.79
CA ASP D 16 5.51 29.05 -13.47
C ASP D 16 4.45 29.49 -12.47
N GLU D 17 3.22 29.68 -12.95
CA GLU D 17 2.14 30.14 -12.09
C GLU D 17 1.84 29.20 -10.93
N GLN D 18 2.17 27.92 -11.08
CA GLN D 18 1.93 26.95 -10.02
C GLN D 18 3.16 26.70 -9.16
N LYS D 19 4.18 27.55 -9.30
CA LYS D 19 5.42 27.43 -8.53
C LYS D 19 6.19 26.19 -9.00
N GLN D 20 5.98 25.82 -10.25
CA GLN D 20 6.61 24.64 -10.81
C GLN D 20 7.82 25.00 -11.65
N LEU D 21 8.85 24.17 -11.57
CA LEU D 21 10.07 24.40 -12.32
C LEU D 21 10.02 23.63 -13.64
N PRO D 22 9.94 24.36 -14.76
CA PRO D 22 9.88 23.67 -16.06
C PRO D 22 11.12 22.81 -16.34
N LEU D 23 10.90 21.64 -16.92
CA LEU D 23 11.99 20.72 -17.28
C LEU D 23 13.03 21.39 -18.19
N SER D 24 12.56 22.18 -19.15
CA SER D 24 13.47 22.85 -20.09
C SER D 24 14.33 23.95 -19.46
N THR D 25 13.91 24.44 -18.29
CA THR D 25 14.68 25.47 -17.59
C THR D 25 15.87 24.77 -16.94
N ILE D 26 15.65 23.53 -16.51
CA ILE D 26 16.73 22.73 -15.92
C ILE D 26 17.75 22.47 -17.02
N GLU D 27 17.28 22.17 -18.23
CA GLU D 27 18.18 21.92 -19.35
C GLU D 27 18.91 23.23 -19.67
N ALA D 28 18.15 24.31 -19.74
CA ALA D 28 18.69 25.62 -20.03
C ALA D 28 19.89 25.93 -19.13
N VAL D 29 19.68 25.89 -17.81
CA VAL D 29 20.73 26.17 -16.85
C VAL D 29 21.92 25.23 -17.03
N ARG D 30 21.63 23.95 -17.26
CA ARG D 30 22.69 22.98 -17.47
C ARG D 30 23.57 23.40 -18.64
N ARG D 31 22.92 23.69 -19.78
CA ARG D 31 23.63 24.11 -20.99
C ARG D 31 24.45 25.37 -20.76
N LEU D 32 23.89 26.35 -20.07
CA LEU D 32 24.63 27.59 -19.80
C LEU D 32 25.91 27.33 -19.01
N LYS D 33 25.79 26.58 -17.91
CA LYS D 33 26.94 26.26 -17.07
C LYS D 33 28.01 25.53 -17.87
N GLN D 34 27.57 24.59 -18.69
CA GLN D 34 28.47 23.80 -19.52
C GLN D 34 29.31 24.71 -20.43
N SER D 35 28.69 25.78 -20.93
CA SER D 35 29.33 26.75 -21.82
C SER D 35 30.19 27.77 -21.10
N GLY D 36 30.23 27.71 -19.77
CA GLY D 36 31.05 28.66 -19.03
C GLY D 36 30.32 29.95 -18.73
N VAL D 37 29.01 29.97 -18.95
CA VAL D 37 28.22 31.17 -18.67
C VAL D 37 27.75 31.11 -17.22
N TYR D 38 27.94 32.19 -16.48
CA TYR D 38 27.52 32.22 -15.09
C TYR D 38 26.01 32.33 -14.97
N VAL D 39 25.45 31.59 -14.03
CA VAL D 39 24.01 31.60 -13.78
C VAL D 39 23.76 32.03 -12.35
N ALA D 40 22.95 33.06 -12.17
CA ALA D 40 22.68 33.54 -10.84
C ALA D 40 21.24 34.02 -10.70
N ILE D 41 20.75 33.98 -9.47
CA ILE D 41 19.40 34.43 -9.17
C ILE D 41 19.50 35.84 -8.57
N ALA D 42 18.55 36.71 -8.91
CA ALA D 42 18.54 38.06 -8.36
C ALA D 42 17.16 38.21 -7.76
N THR D 43 17.09 38.43 -6.45
CA THR D 43 15.80 38.53 -5.79
C THR D 43 15.83 39.40 -4.53
N GLY D 44 14.65 39.76 -4.06
CA GLY D 44 14.56 40.56 -2.85
C GLY D 44 14.48 39.66 -1.63
N ARG D 45 14.33 38.36 -1.90
CA ARG D 45 14.21 37.37 -0.83
C ARG D 45 15.50 37.13 -0.04
N ALA D 46 15.34 36.49 1.10
CA ALA D 46 16.46 36.14 1.96
C ALA D 46 17.03 34.83 1.42
N PRO D 47 18.33 34.62 1.57
CA PRO D 47 18.91 33.38 1.06
C PRO D 47 18.11 32.12 1.44
N PHE D 48 17.76 32.00 2.72
CA PHE D 48 17.02 30.83 3.19
C PHE D 48 15.61 30.71 2.63
N MSE D 49 15.16 31.71 1.89
CA MSE D 49 13.81 31.66 1.32
C MSE D 49 13.77 31.09 -0.08
O MSE D 49 12.69 31.04 -0.70
CB MSE D 49 13.20 33.07 1.32
CG MSE D 49 12.56 33.46 2.63
SE MSE D 49 12.00 35.32 2.66
CE MSE D 49 10.65 35.28 1.26
N PHE D 50 14.92 30.65 -0.60
CA PHE D 50 14.95 30.07 -1.94
C PHE D 50 16.13 29.13 -2.13
N GLU D 51 16.50 28.46 -1.04
CA GLU D 51 17.61 27.52 -1.07
C GLU D 51 17.19 26.25 -1.80
N HIS D 52 15.94 25.83 -1.66
CA HIS D 52 15.47 24.64 -2.33
C HIS D 52 15.61 24.80 -3.85
N VAL D 53 15.18 25.96 -4.36
CA VAL D 53 15.27 26.23 -5.79
C VAL D 53 16.74 26.18 -6.22
N ARG D 54 17.61 26.78 -5.42
CA ARG D 54 19.04 26.81 -5.71
C ARG D 54 19.59 25.39 -5.81
N LYS D 55 19.20 24.54 -4.87
CA LYS D 55 19.68 23.16 -4.89
C LYS D 55 19.12 22.43 -6.10
N GLN D 56 17.89 22.74 -6.47
CA GLN D 56 17.27 22.11 -7.62
C GLN D 56 18.01 22.41 -8.92
N LEU D 57 18.41 23.67 -9.10
CA LEU D 57 19.11 24.09 -10.29
C LEU D 57 20.63 24.14 -10.14
N GLY D 58 21.12 23.81 -8.96
CA GLY D 58 22.54 23.85 -8.72
C GLY D 58 23.08 25.27 -8.92
N ILE D 59 22.33 26.24 -8.43
CA ILE D 59 22.73 27.64 -8.55
C ILE D 59 23.29 28.09 -7.21
N ASP D 60 24.57 28.43 -7.16
CA ASP D 60 25.17 28.86 -5.91
C ASP D 60 25.72 30.29 -5.97
N SER D 61 25.20 31.08 -6.91
CA SER D 61 25.57 32.48 -7.05
C SER D 61 24.27 33.25 -7.07
N PHE D 62 24.23 34.39 -6.38
CA PHE D 62 23.01 35.16 -6.35
C PHE D 62 23.12 36.51 -5.69
N VAL D 63 22.10 37.33 -5.96
CA VAL D 63 21.97 38.66 -5.39
C VAL D 63 20.67 38.51 -4.59
N SER D 64 20.78 38.50 -3.27
CA SER D 64 19.60 38.38 -2.41
C SER D 64 19.40 39.66 -1.60
N PHE D 65 18.30 39.72 -0.86
CA PHE D 65 17.98 40.89 -0.03
C PHE D 65 18.07 42.19 -0.83
N ASN D 66 17.48 42.22 -2.02
CA ASN D 66 17.51 43.41 -2.86
C ASN D 66 18.88 44.06 -2.96
N GLY D 67 19.91 43.22 -3.08
CA GLY D 67 21.27 43.72 -3.23
C GLY D 67 22.16 43.79 -2.01
N GLN D 68 21.62 43.57 -0.82
CA GLN D 68 22.42 43.66 0.40
C GLN D 68 23.26 42.45 0.78
N TYR D 69 23.09 41.35 0.07
CA TYR D 69 23.85 40.12 0.33
C TYR D 69 24.04 39.40 -1.00
N VAL D 70 25.27 39.44 -1.52
CA VAL D 70 25.58 38.85 -2.81
C VAL D 70 26.61 37.73 -2.70
N VAL D 71 26.27 36.56 -3.23
CA VAL D 71 27.15 35.41 -3.17
C VAL D 71 27.58 34.92 -4.55
N PHE D 72 28.86 34.56 -4.68
CA PHE D 72 29.37 34.03 -5.95
C PHE D 72 30.02 32.66 -5.76
N GLU D 73 29.50 31.66 -6.46
CA GLU D 73 30.01 30.28 -6.34
C GLU D 73 30.17 29.86 -4.89
N GLY D 74 29.14 30.10 -4.07
CA GLY D 74 29.21 29.71 -2.68
C GLY D 74 29.86 30.65 -1.69
N ASN D 75 30.54 31.71 -2.15
CA ASN D 75 31.18 32.63 -1.22
C ASN D 75 30.64 34.05 -1.30
N VAL D 76 30.49 34.67 -0.14
CA VAL D 76 29.97 36.03 -0.08
C VAL D 76 30.88 36.94 -0.86
N LEU D 77 30.29 37.72 -1.75
CA LEU D 77 31.04 38.63 -2.62
C LEU D 77 30.90 40.06 -2.16
N TYR D 78 29.74 40.37 -1.59
CA TYR D 78 29.45 41.70 -1.11
C TYR D 78 28.31 41.64 -0.10
N LYS D 79 28.43 42.42 0.97
CA LYS D 79 27.37 42.45 1.97
C LYS D 79 27.28 43.79 2.66
N GLN D 80 26.06 44.32 2.70
CA GLN D 80 25.78 45.60 3.30
C GLN D 80 24.70 45.46 4.38
N PRO D 81 25.11 45.28 5.65
CA PRO D 81 24.15 45.15 6.74
C PRO D 81 23.44 46.48 6.94
N LEU D 82 22.28 46.44 7.59
CA LEU D 82 21.53 47.64 7.91
C LEU D 82 22.30 48.28 9.06
N ARG D 83 22.31 49.61 9.13
CA ARG D 83 23.02 50.31 10.22
C ARG D 83 22.37 49.96 11.55
N ARG D 84 23.09 49.22 12.39
CA ARG D 84 22.56 48.80 13.69
C ARG D 84 21.96 49.95 14.48
N GLU D 85 22.66 51.08 14.48
CA GLU D 85 22.21 52.28 15.17
C GLU D 85 20.76 52.61 14.78
N LYS D 86 20.54 52.73 13.48
CA LYS D 86 19.22 53.06 12.96
C LYS D 86 18.21 51.93 13.14
N VAL D 87 18.68 50.68 13.12
CA VAL D 87 17.78 49.56 13.32
C VAL D 87 17.21 49.65 14.73
N ARG D 88 18.06 49.97 15.70
CA ARG D 88 17.64 50.10 17.10
C ARG D 88 16.59 51.20 17.27
N ALA D 89 16.82 52.37 16.67
CA ALA D 89 15.87 53.49 16.77
C ALA D 89 14.52 53.13 16.18
N LEU D 90 14.53 52.56 14.97
CA LEU D 90 13.32 52.16 14.28
C LEU D 90 12.52 51.17 15.14
N THR D 91 13.21 50.25 15.77
CA THR D 91 12.56 49.24 16.61
C THR D 91 11.88 49.88 17.82
N GLU D 92 12.61 50.76 18.50
CA GLU D 92 12.07 51.42 19.68
C GLU D 92 10.91 52.32 19.31
N GLU D 93 11.09 53.17 18.31
CA GLU D 93 10.02 54.05 17.89
C GLU D 93 8.78 53.26 17.45
N ALA D 94 8.98 52.24 16.64
CA ALA D 94 7.89 51.40 16.16
C ALA D 94 7.19 50.67 17.31
N HIS D 95 7.98 50.18 18.26
CA HIS D 95 7.45 49.47 19.42
C HIS D 95 6.50 50.38 20.20
N LYS D 96 6.80 51.69 20.19
CA LYS D 96 5.97 52.67 20.88
C LYS D 96 4.57 52.70 20.29
N ASN D 97 4.46 52.41 18.99
CA ASN D 97 3.17 52.42 18.33
C ASN D 97 2.55 51.02 18.21
N GLY D 98 3.17 50.04 18.86
CA GLY D 98 2.67 48.68 18.81
C GLY D 98 2.91 48.00 17.47
N HIS D 99 3.84 48.54 16.69
CA HIS D 99 4.20 47.95 15.42
C HIS D 99 5.46 47.10 15.61
N PRO D 100 5.35 45.79 15.32
CA PRO D 100 6.53 44.94 15.48
C PRO D 100 7.36 44.90 14.20
N LEU D 101 8.55 44.32 14.32
CA LEU D 101 9.44 44.17 13.19
C LEU D 101 9.96 42.75 13.19
N VAL D 102 10.53 42.36 12.05
CA VAL D 102 11.13 41.04 11.94
C VAL D 102 12.52 41.33 11.37
N PHE D 103 13.53 40.80 12.03
CA PHE D 103 14.92 40.98 11.62
C PHE D 103 15.37 39.77 10.80
N MSE D 104 15.95 40.05 9.63
CA MSE D 104 16.40 39.01 8.71
C MSE D 104 17.89 39.04 8.38
O MSE D 104 18.45 40.10 8.09
CB MSE D 104 15.64 39.11 7.40
CG MSE D 104 14.14 39.16 7.54
SE MSE D 104 13.35 39.77 5.89
CE MSE D 104 13.62 38.20 4.80
N ASP D 105 18.53 37.88 8.43
CA ASP D 105 19.93 37.77 8.04
C ASP D 105 19.97 36.64 7.01
N ALA D 106 21.17 36.19 6.64
CA ALA D 106 21.26 35.14 5.64
C ALA D 106 20.76 33.76 6.06
N GLU D 107 20.85 33.45 7.35
CA GLU D 107 20.43 32.13 7.83
C GLU D 107 19.02 32.08 8.37
N LYS D 108 18.66 33.04 9.21
CA LYS D 108 17.34 33.01 9.81
C LYS D 108 16.60 34.34 9.89
N MSE D 109 15.48 34.27 10.61
CA MSE D 109 14.58 35.39 10.76
C MSE D 109 14.07 35.45 12.21
O MSE D 109 13.84 34.40 12.83
CB MSE D 109 13.45 35.14 9.79
CG MSE D 109 12.60 36.30 9.44
SE MSE D 109 11.34 35.62 8.17
CE MSE D 109 11.64 36.87 6.76
N ARG D 110 13.91 36.66 12.74
CA ARG D 110 13.43 36.84 14.11
C ARG D 110 12.42 37.98 14.24
N ALA D 111 11.41 37.77 15.08
CA ALA D 111 10.37 38.76 15.33
C ALA D 111 10.59 39.47 16.66
N SER D 112 10.27 40.76 16.70
CA SER D 112 10.44 41.57 17.91
C SER D 112 9.32 41.31 18.93
N ILE D 113 8.16 40.90 18.46
CA ILE D 113 7.01 40.61 19.31
C ILE D 113 6.46 39.22 19.00
N GLY D 114 6.10 38.47 20.05
CA GLY D 114 5.56 37.13 19.86
C GLY D 114 4.05 37.05 19.65
N ASP D 115 3.61 36.02 18.95
CA ASP D 115 2.21 35.75 18.65
C ASP D 115 1.47 37.01 18.19
N HIS D 116 2.10 37.80 17.33
CA HIS D 116 1.44 38.99 16.81
C HIS D 116 0.64 38.65 15.56
N PRO D 117 -0.65 39.02 15.52
CA PRO D 117 -1.53 38.76 14.37
C PRO D 117 -1.13 39.32 13.02
N HIS D 118 -0.36 40.41 12.95
CA HIS D 118 0.02 40.90 11.60
C HIS D 118 1.16 40.06 11.03
N ILE D 119 2.00 39.56 11.94
CA ILE D 119 3.11 38.74 11.54
C ILE D 119 2.54 37.44 10.99
N HIS D 120 1.65 36.79 11.75
CA HIS D 120 1.03 35.53 11.33
C HIS D 120 0.47 35.62 9.91
N VAL D 121 -0.43 36.57 9.68
CA VAL D 121 -1.07 36.75 8.39
C VAL D 121 -0.16 37.08 7.20
N SER D 122 0.61 38.16 7.33
CA SER D 122 1.50 38.58 6.26
C SER D 122 2.55 37.52 5.95
N MSE D 123 3.00 36.80 6.99
CA MSE D 123 4.01 35.77 6.83
C MSE D 123 3.46 34.43 6.32
O MSE D 123 4.17 33.68 5.65
CB MSE D 123 4.74 35.55 8.14
CG MSE D 123 5.48 36.76 8.67
SE MSE D 123 7.06 37.27 7.66
CE MSE D 123 7.28 35.73 6.52
N ALA D 124 2.22 34.13 6.66
CA ALA D 124 1.63 32.88 6.20
C ALA D 124 1.48 32.98 4.69
N SER D 125 1.31 34.21 4.21
CA SER D 125 1.16 34.43 2.79
C SER D 125 2.47 34.15 2.05
N LEU D 126 3.58 34.23 2.77
CA LEU D 126 4.89 33.94 2.21
C LEU D 126 5.15 32.46 2.45
N LYS D 127 4.15 31.81 3.06
CA LYS D 127 4.17 30.40 3.41
C LYS D 127 5.15 30.11 4.53
N PHE D 128 5.26 31.05 5.46
CA PHE D 128 6.13 30.91 6.61
C PHE D 128 5.39 30.98 7.94
N ALA D 129 5.92 30.27 8.91
CA ALA D 129 5.34 30.27 10.24
C ALA D 129 5.85 31.51 10.95
N HIS D 130 5.20 31.88 12.05
CA HIS D 130 5.62 33.05 12.80
C HIS D 130 7.09 32.86 13.23
N PRO D 131 7.95 33.83 12.89
CA PRO D 131 9.35 33.67 13.28
C PRO D 131 9.55 33.54 14.79
N PRO D 132 10.62 32.87 15.21
CA PRO D 132 10.85 32.74 16.65
C PRO D 132 11.02 34.16 17.18
N VAL D 133 10.75 34.37 18.47
CA VAL D 133 10.85 35.71 19.05
C VAL D 133 12.22 36.04 19.64
N ASP D 134 12.70 37.25 19.33
CA ASP D 134 13.98 37.73 19.84
C ASP D 134 14.12 39.23 19.56
N PRO D 135 13.58 40.07 20.44
CA PRO D 135 13.61 41.53 20.32
C PRO D 135 14.97 42.20 20.16
N LEU D 136 16.04 41.48 20.46
CA LEU D 136 17.37 42.06 20.35
C LEU D 136 18.31 41.32 19.41
N TYR D 137 17.75 40.59 18.45
CA TYR D 137 18.54 39.83 17.51
C TYR D 137 19.51 40.68 16.69
N TYR D 138 19.06 41.88 16.32
CA TYR D 138 19.87 42.80 15.53
C TYR D 138 21.07 43.36 16.28
N GLU D 139 21.01 43.33 17.60
CA GLU D 139 22.09 43.86 18.43
C GLU D 139 23.41 43.08 18.35
N ASN D 140 23.34 41.80 18.06
CA ASN D 140 24.55 40.98 17.98
C ASN D 140 24.73 40.23 16.66
N LYS D 141 23.83 40.48 15.72
CA LYS D 141 23.89 39.84 14.41
C LYS D 141 23.75 40.87 13.31
N ASP D 142 24.35 40.60 12.15
CA ASP D 142 24.22 41.51 11.02
C ASP D 142 22.84 41.27 10.41
N ILE D 143 22.09 42.35 10.22
CA ILE D 143 20.78 42.25 9.62
C ILE D 143 20.87 42.88 8.25
N TYR D 144 20.35 42.21 7.23
CA TYR D 144 20.43 42.74 5.88
C TYR D 144 19.14 43.36 5.40
N GLN D 145 18.06 43.06 6.11
CA GLN D 145 16.76 43.57 5.74
C GLN D 145 15.82 43.28 6.91
N ALA D 146 14.78 44.09 7.04
CA ALA D 146 13.84 43.89 8.13
C ALA D 146 12.43 44.08 7.63
N LEU D 147 11.47 43.74 8.48
CA LEU D 147 10.07 43.86 8.15
C LEU D 147 9.37 44.68 9.22
N LEU D 148 8.62 45.68 8.79
CA LEU D 148 7.87 46.52 9.70
C LEU D 148 6.41 46.18 9.51
N PHE D 149 5.72 45.89 10.61
CA PHE D 149 4.33 45.54 10.50
C PHE D 149 3.39 46.66 10.94
N CYS D 150 2.82 47.32 9.95
CA CYS D 150 1.89 48.42 10.15
C CYS D 150 1.21 48.62 8.80
N ARG D 151 0.08 49.33 8.83
CA ARG D 151 -0.68 49.59 7.61
C ARG D 151 -0.16 50.83 6.90
N ALA D 152 -0.53 50.98 5.63
CA ALA D 152 -0.08 52.10 4.83
C ALA D 152 -0.45 53.46 5.44
N GLU D 153 -1.52 53.49 6.21
CA GLU D 153 -1.97 54.72 6.86
C GLU D 153 -1.05 55.13 8.00
N GLU D 154 -0.24 54.20 8.49
CA GLU D 154 0.65 54.48 9.62
C GLU D 154 2.14 54.67 9.27
N GLU D 155 2.52 54.37 8.03
CA GLU D 155 3.92 54.46 7.62
C GLU D 155 4.57 55.85 7.49
N GLU D 156 3.79 56.85 7.08
CA GLU D 156 4.30 58.22 6.92
C GLU D 156 5.44 58.61 7.88
N PRO D 157 5.19 58.55 9.19
CA PRO D 157 6.22 58.91 10.18
C PRO D 157 7.55 58.17 9.96
N TYR D 158 7.49 56.85 9.93
CA TYR D 158 8.68 56.01 9.73
C TYR D 158 9.42 56.43 8.47
N VAL D 159 8.69 56.55 7.37
CA VAL D 159 9.26 56.97 6.10
C VAL D 159 10.00 58.28 6.29
N ARG D 160 9.33 59.22 6.95
CA ARG D 160 9.84 60.56 7.23
C ARG D 160 11.00 60.63 8.23
N ASN D 161 10.89 59.89 9.33
CA ASN D 161 11.93 59.91 10.35
C ASN D 161 13.14 59.06 10.06
N TYR D 162 13.06 58.21 9.05
CA TYR D 162 14.18 57.34 8.72
C TYR D 162 14.53 57.34 7.25
N PRO D 163 15.09 58.45 6.76
CA PRO D 163 15.46 58.55 5.34
C PRO D 163 16.64 57.63 4.99
N GLU D 164 17.25 57.01 5.99
CA GLU D 164 18.37 56.10 5.73
C GLU D 164 17.86 54.72 5.36
N PHE D 165 16.55 54.53 5.48
CA PHE D 165 15.92 53.27 5.09
C PHE D 165 14.92 53.55 3.98
N ARG D 166 14.49 52.49 3.29
CA ARG D 166 13.49 52.63 2.24
C ARG D 166 12.39 51.63 2.56
N PHE D 167 11.18 52.13 2.78
CA PHE D 167 10.06 51.27 3.09
C PHE D 167 9.27 50.96 1.81
N VAL D 168 9.25 49.67 1.45
CA VAL D 168 8.55 49.22 0.25
C VAL D 168 7.48 48.23 0.68
N ARG D 169 6.22 48.61 0.52
CA ARG D 169 5.09 47.78 0.92
C ARG D 169 4.82 46.62 -0.03
N TRP D 170 4.49 45.47 0.54
CA TRP D 170 4.19 44.27 -0.23
C TRP D 170 2.96 43.56 0.32
N HIS D 171 2.45 44.03 1.46
CA HIS D 171 1.27 43.43 2.08
C HIS D 171 0.48 44.52 2.82
N ASP D 172 -0.78 44.24 3.13
CA ASP D 172 -1.61 45.20 3.84
C ASP D 172 -1.05 45.57 5.20
N VAL D 173 -0.42 44.63 5.87
CA VAL D 173 0.11 44.91 7.19
C VAL D 173 1.61 44.72 7.37
N SER D 174 2.35 44.73 6.27
CA SER D 174 3.80 44.55 6.36
C SER D 174 4.53 45.21 5.19
N THR D 175 5.63 45.88 5.49
CA THR D 175 6.42 46.54 4.46
C THR D 175 7.89 46.22 4.67
N ASP D 176 8.65 46.12 3.58
CA ASP D 176 10.09 45.81 3.67
C ASP D 176 10.91 47.02 4.08
N VAL D 177 11.97 46.76 4.81
CA VAL D 177 12.87 47.80 5.26
C VAL D 177 14.26 47.54 4.67
N LEU D 178 14.64 48.32 3.65
CA LEU D 178 15.95 48.16 3.02
C LEU D 178 16.72 49.44 3.24
N PRO D 179 18.05 49.41 2.99
CA PRO D 179 18.80 50.65 3.18
C PRO D 179 18.55 51.54 1.97
N ALA D 180 18.42 52.83 2.20
CA ALA D 180 18.20 53.73 1.08
C ALA D 180 19.40 53.53 0.16
N GLY D 181 19.12 53.38 -1.13
CA GLY D 181 20.20 53.19 -2.08
C GLY D 181 20.37 51.75 -2.46
N GLY D 182 19.69 50.84 -1.78
CA GLY D 182 19.79 49.44 -2.11
C GLY D 182 18.72 48.91 -3.04
N SER D 183 19.12 48.06 -3.97
CA SER D 183 18.20 47.44 -4.93
C SER D 183 18.93 46.27 -5.56
N LYS D 184 18.20 45.30 -6.10
CA LYS D 184 18.87 44.15 -6.68
C LYS D 184 19.63 44.48 -7.94
N ALA D 185 19.22 45.51 -8.66
CA ALA D 185 19.95 45.88 -9.88
C ALA D 185 21.30 46.39 -9.43
N GLU D 186 21.29 47.06 -8.28
CA GLU D 186 22.51 47.62 -7.68
C GLU D 186 23.42 46.46 -7.27
N GLY D 187 22.81 45.42 -6.72
CA GLY D 187 23.57 44.25 -6.30
C GLY D 187 24.19 43.60 -7.53
N ILE D 188 23.44 43.62 -8.64
CA ILE D 188 23.90 43.06 -9.90
C ILE D 188 25.06 43.87 -10.41
N ARG D 189 25.06 45.17 -10.11
CA ARG D 189 26.14 46.03 -10.58
C ARG D 189 27.49 45.67 -9.97
N MSE D 190 27.57 45.37 -8.68
CA MSE D 190 28.88 45.01 -8.12
C MSE D 190 29.22 43.56 -8.32
O MSE D 190 30.40 43.20 -8.29
CB MSE D 190 29.00 45.31 -6.64
CG MSE D 190 27.77 45.76 -5.98
SE MSE D 190 28.30 47.20 -4.84
CE MSE D 190 30.12 47.52 -5.44
N MSE D 191 28.22 42.73 -8.49
CA MSE D 191 28.50 41.35 -8.75
C MSE D 191 29.37 41.38 -10.01
O MSE D 191 30.48 40.84 -10.03
CB MSE D 191 27.22 40.57 -9.03
CG MSE D 191 27.46 39.26 -9.74
SE MSE D 191 27.23 37.72 -8.63
CE MSE D 191 29.00 37.58 -7.91
N ILE D 192 28.88 42.07 -11.05
CA ILE D 192 29.60 42.15 -12.31
C ILE D 192 30.85 43.02 -12.26
N GLU D 193 30.88 43.96 -11.34
CA GLU D 193 32.06 44.81 -11.19
C GLU D 193 33.16 43.96 -10.60
N LYS D 194 32.83 43.23 -9.53
CA LYS D 194 33.80 42.38 -8.86
C LYS D 194 34.24 41.22 -9.75
N LEU D 195 33.31 40.66 -10.53
CA LEU D 195 33.63 39.55 -11.41
C LEU D 195 34.39 40.02 -12.66
N GLY D 196 34.34 41.31 -12.92
CA GLY D 196 35.01 41.86 -14.08
C GLY D 196 34.26 41.56 -15.36
N ILE D 197 32.93 41.59 -15.28
CA ILE D 197 32.09 41.31 -16.43
C ILE D 197 31.49 42.57 -17.03
N ASP D 198 31.71 42.77 -18.33
CA ASP D 198 31.19 43.94 -19.04
C ASP D 198 29.66 43.86 -19.16
N LYS D 199 29.01 45.00 -18.99
CA LYS D 199 27.55 45.06 -19.06
C LYS D 199 26.98 44.40 -20.33
N LYS D 200 27.69 44.56 -21.44
CA LYS D 200 27.26 43.99 -22.71
C LYS D 200 27.20 42.46 -22.68
N ASP D 201 27.73 41.87 -21.61
CA ASP D 201 27.71 40.41 -21.48
C ASP D 201 26.83 39.99 -20.32
N VAL D 202 26.03 40.92 -19.80
CA VAL D 202 25.14 40.62 -18.70
C VAL D 202 23.71 40.49 -19.24
N TYR D 203 23.05 39.39 -18.89
CA TYR D 203 21.68 39.14 -19.33
C TYR D 203 20.79 38.97 -18.11
N ALA D 204 19.49 39.20 -18.26
CA ALA D 204 18.56 39.03 -17.15
C ALA D 204 17.16 38.67 -17.65
N PHE D 205 16.46 37.82 -16.92
CA PHE D 205 15.11 37.41 -17.28
C PHE D 205 14.18 37.83 -16.14
N GLY D 206 13.17 38.61 -16.46
CA GLY D 206 12.23 39.08 -15.44
C GLY D 206 10.78 39.01 -15.89
N ASP D 207 9.88 39.16 -14.94
CA ASP D 207 8.46 39.07 -15.20
C ASP D 207 7.63 40.15 -14.51
N GLY D 208 8.07 40.60 -13.35
CA GLY D 208 7.30 41.61 -12.64
C GLY D 208 7.90 43.00 -12.63
N LEU D 209 7.11 43.93 -12.13
CA LEU D 209 7.51 45.34 -12.04
C LEU D 209 8.79 45.52 -11.22
N ASN D 210 9.01 44.62 -10.26
CA ASN D 210 10.22 44.72 -9.44
C ASN D 210 11.46 44.30 -10.26
N ASP D 211 11.21 43.83 -11.47
CA ASP D 211 12.28 43.42 -12.37
C ASP D 211 12.64 44.50 -13.38
N ILE D 212 11.88 45.59 -13.40
CA ILE D 212 12.12 46.66 -14.36
C ILE D 212 13.49 47.29 -14.30
N GLU D 213 13.93 47.69 -13.11
CA GLU D 213 15.24 48.32 -12.99
C GLU D 213 16.33 47.36 -13.46
N MSE D 214 16.25 46.12 -13.01
CA MSE D 214 17.21 45.10 -13.39
C MSE D 214 17.28 44.94 -14.91
O MSE D 214 18.36 44.98 -15.51
CB MSE D 214 16.84 43.76 -12.76
CG MSE D 214 17.49 42.56 -13.43
SE MSE D 214 17.09 40.92 -12.54
CE MSE D 214 15.43 40.45 -13.41
N LEU D 215 16.11 44.76 -15.51
CA LEU D 215 15.99 44.58 -16.95
C LEU D 215 16.53 45.73 -17.80
N SER D 216 16.31 46.96 -17.36
CA SER D 216 16.80 48.10 -18.12
C SER D 216 18.29 48.34 -17.87
N PHE D 217 18.77 47.87 -16.73
CA PHE D 217 20.18 48.07 -16.40
C PHE D 217 21.15 47.16 -17.12
N VAL D 218 20.83 45.87 -17.21
CA VAL D 218 21.73 44.93 -17.86
C VAL D 218 21.84 45.12 -19.37
N GLY D 219 22.87 44.52 -19.94
CA GLY D 219 23.07 44.65 -21.36
C GLY D 219 21.86 44.18 -22.16
N THR D 220 21.36 42.99 -21.82
CA THR D 220 20.22 42.44 -22.51
C THR D 220 19.14 42.01 -21.54
N GLY D 221 18.08 42.80 -21.45
CA GLY D 221 16.99 42.48 -20.55
C GLY D 221 15.96 41.66 -21.30
N VAL D 222 15.50 40.60 -20.66
CA VAL D 222 14.52 39.73 -21.28
C VAL D 222 13.26 39.61 -20.44
N ALA D 223 12.13 40.00 -21.02
CA ALA D 223 10.84 39.92 -20.34
C ALA D 223 10.17 38.62 -20.77
N MSE D 224 9.44 37.99 -19.87
CA MSE D 224 8.73 36.74 -20.16
C MSE D 224 7.43 37.04 -20.93
O MSE D 224 6.85 38.10 -20.75
CB MSE D 224 8.34 36.05 -18.85
CG MSE D 224 9.49 35.86 -17.86
SE MSE D 224 10.82 34.50 -18.55
CE MSE D 224 9.82 32.76 -18.33
N GLY D 225 6.97 36.06 -21.71
CA GLY D 225 5.74 36.18 -22.49
C GLY D 225 4.56 36.83 -21.78
N ASN D 226 4.26 36.47 -20.53
CA ASN D 226 3.12 37.10 -19.89
C ASN D 226 3.52 38.16 -18.87
N ALA D 227 4.58 38.90 -19.16
CA ALA D 227 5.01 39.94 -18.24
C ALA D 227 4.21 41.24 -18.42
N HIS D 228 4.14 42.03 -17.36
CA HIS D 228 3.43 43.31 -17.40
C HIS D 228 4.04 44.14 -18.56
N GLU D 229 3.21 44.93 -19.24
CA GLU D 229 3.74 45.68 -20.37
C GLU D 229 4.80 46.68 -20.03
N GLU D 230 4.81 47.17 -18.79
CA GLU D 230 5.85 48.13 -18.37
C GLU D 230 7.21 47.42 -18.24
N VAL D 231 7.14 46.10 -18.10
CA VAL D 231 8.32 45.24 -17.97
C VAL D 231 8.82 44.95 -19.39
N LYS D 232 7.88 44.68 -20.30
CA LYS D 232 8.22 44.39 -21.68
C LYS D 232 8.77 45.64 -22.36
N ARG D 233 8.32 46.82 -21.92
CA ARG D 233 8.78 48.05 -22.52
C ARG D 233 10.30 48.21 -22.42
N VAL D 234 10.84 47.92 -21.24
CA VAL D 234 12.27 48.04 -21.01
C VAL D 234 13.08 46.84 -21.45
N ALA D 235 12.40 45.75 -21.81
CA ALA D 235 13.10 44.55 -22.24
C ALA D 235 13.64 44.67 -23.66
N ASP D 236 14.84 44.16 -23.88
CA ASP D 236 15.46 44.20 -25.20
C ASP D 236 14.89 43.07 -26.03
N PHE D 237 14.26 42.11 -25.37
CA PHE D 237 13.68 40.98 -26.05
C PHE D 237 12.61 40.35 -25.17
N VAL D 238 11.48 40.00 -25.77
CA VAL D 238 10.39 39.36 -25.04
C VAL D 238 10.33 37.92 -25.50
N THR D 239 10.44 36.99 -24.56
CA THR D 239 10.41 35.57 -24.89
C THR D 239 9.02 35.01 -24.63
N LYS D 240 8.87 33.70 -24.79
CA LYS D 240 7.57 33.08 -24.59
C LYS D 240 7.22 33.03 -23.11
N PRO D 241 5.97 32.67 -22.78
CA PRO D 241 5.56 32.61 -21.37
C PRO D 241 6.39 31.56 -20.65
N VAL D 242 6.41 31.63 -19.32
CA VAL D 242 7.19 30.70 -18.51
C VAL D 242 6.83 29.23 -18.74
N ASP D 243 5.55 28.94 -18.93
CA ASP D 243 5.13 27.57 -19.14
C ASP D 243 5.21 27.14 -20.60
N LYS D 244 5.88 27.94 -21.43
CA LYS D 244 6.04 27.61 -22.85
C LYS D 244 7.51 27.59 -23.20
N GLU D 245 8.32 27.09 -22.28
CA GLU D 245 9.76 27.01 -22.46
C GLU D 245 10.34 28.41 -22.67
N GLY D 246 9.73 29.39 -22.01
CA GLY D 246 10.17 30.77 -22.14
C GLY D 246 11.67 30.98 -21.98
N ILE D 247 12.23 30.46 -20.89
CA ILE D 247 13.66 30.62 -20.64
C ILE D 247 14.54 29.91 -21.66
N TRP D 248 14.21 28.65 -21.96
CA TRP D 248 14.98 27.89 -22.94
C TRP D 248 14.95 28.58 -24.30
N TYR D 249 13.75 28.93 -24.75
CA TYR D 249 13.57 29.59 -26.02
C TYR D 249 14.36 30.89 -26.09
N GLY D 250 14.19 31.70 -25.05
CA GLY D 250 14.89 32.98 -25.01
C GLY D 250 16.39 32.82 -25.12
N LEU D 251 16.94 31.94 -24.29
CA LEU D 251 18.38 31.70 -24.29
C LEU D 251 18.83 31.20 -25.67
N LYS D 252 17.97 30.45 -26.34
CA LYS D 252 18.27 29.92 -27.66
C LYS D 252 18.31 31.08 -28.66
N GLN D 253 17.29 31.93 -28.61
CA GLN D 253 17.20 33.09 -29.48
C GLN D 253 18.42 33.98 -29.32
N LEU D 254 18.78 34.27 -28.07
CA LEU D 254 19.93 35.12 -27.76
C LEU D 254 21.22 34.40 -28.10
N GLN D 255 21.09 33.14 -28.48
CA GLN D 255 22.22 32.32 -28.85
C GLN D 255 23.21 32.04 -27.72
N LEU D 256 22.71 32.02 -26.50
CA LEU D 256 23.54 31.72 -25.35
C LEU D 256 23.57 30.19 -25.32
N ILE D 257 22.62 29.58 -26.02
CA ILE D 257 22.53 28.14 -26.13
C ILE D 257 22.42 27.79 -27.62
C1 GOL E . -5.56 25.99 1.94
O1 GOL E . -5.38 26.40 3.30
C2 GOL E . -4.31 26.32 1.12
O2 GOL E . -4.29 25.55 -0.08
C3 GOL E . -4.26 27.81 0.80
O3 GOL E . -3.10 28.08 0.00
C1 GOL F . 12.17 9.74 -5.70
O1 GOL F . 10.83 10.00 -5.27
C2 GOL F . 13.04 9.38 -4.49
O2 GOL F . 12.59 8.14 -3.93
C3 GOL F . 14.50 9.23 -4.92
O3 GOL F . 15.33 9.07 -3.76
C1 GOL G . 25.42 20.24 -3.04
O1 GOL G . 25.56 20.71 -4.38
C2 GOL G . 25.73 21.41 -2.08
O2 GOL G . 25.32 21.06 -0.76
C3 GOL G . 27.23 21.71 -2.08
O3 GOL G . 27.90 20.64 -1.40
C1 GOL H . 4.26 -28.51 -6.36
O1 GOL H . 3.31 -28.33 -7.42
C2 GOL H . 5.56 -27.76 -6.70
O2 GOL H . 5.28 -26.37 -6.83
C3 GOL H . 6.56 -27.98 -5.57
O3 GOL H . 6.02 -27.47 -4.36
C1 GOL I . -7.85 -10.80 1.94
O1 GOL I . -8.87 -9.84 1.67
C2 GOL I . -7.49 -11.52 0.63
O2 GOL I . -7.09 -10.55 -0.34
C3 GOL I . -6.35 -12.52 0.89
O3 GOL I . -6.15 -13.32 -0.28
C1 GOL J . -13.55 -8.52 0.47
O1 GOL J . -12.38 -7.88 -0.03
C2 GOL J . -13.26 -9.12 1.84
O2 GOL J . -14.42 -9.80 2.34
C3 GOL J . -12.09 -10.11 1.73
O3 GOL J . -12.38 -11.10 0.76
C1 GOL K . -23.68 -16.89 1.41
O1 GOL K . -23.20 -17.45 2.65
C2 GOL K . -23.28 -17.79 0.24
O2 GOL K . -23.93 -19.06 0.36
C3 GOL K . -23.70 -17.13 -1.08
O3 GOL K . -23.12 -15.83 -1.18
C1 GOL L . -27.27 -21.22 5.42
O1 GOL L . -27.23 -21.14 6.84
C2 GOL L . -26.11 -20.40 4.85
O2 GOL L . -24.87 -21.02 5.17
C3 GOL L . -26.21 -20.28 3.33
O3 GOL L . -25.01 -19.66 2.87
C1 GOL M . -14.53 -16.91 -15.66
O1 GOL M . -13.32 -16.68 -14.93
C2 GOL M . -14.20 -17.77 -16.88
O2 GOL M . -13.65 -19.02 -16.44
C3 GOL M . -15.44 -18.03 -17.74
O3 GOL M . -16.60 -17.45 -17.14
C1 GOL N . -9.31 -39.23 -5.79
O1 GOL N . -9.70 -38.24 -6.74
C2 GOL N . -10.55 -39.68 -4.99
O2 GOL N . -11.21 -40.74 -5.71
C3 GOL N . -10.11 -40.22 -3.63
O3 GOL N . -11.27 -40.46 -2.84
C1 GOL O . -10.78 -32.86 10.13
O1 GOL O . -9.41 -32.56 10.35
C2 GOL O . -11.62 -31.78 10.83
O2 GOL O . -12.98 -31.89 10.40
C3 GOL O . -11.57 -31.95 12.35
O3 GOL O . -12.40 -33.06 12.72
C1 GOL P . 8.50 20.99 -18.22
O1 GOL P . 7.38 20.72 -17.37
C2 GOL P . 8.00 21.69 -19.50
O2 GOL P . 7.46 22.95 -19.15
C3 GOL P . 9.16 21.92 -20.46
O3 GOL P . 10.03 22.89 -19.89
C1 GOL Q . 11.01 39.15 -4.36
O1 GOL Q . 10.66 40.01 -3.27
C2 GOL Q . 9.84 38.22 -4.69
O2 GOL Q . 8.78 38.98 -5.28
C3 GOL Q . 10.30 37.14 -5.67
O3 GOL Q . 9.33 36.09 -5.74
C1 GOL R . 8.96 40.32 1.35
O1 GOL R . 8.40 40.93 0.19
C2 GOL R . 10.46 40.13 1.16
O2 GOL R . 11.02 39.51 2.32
C3 GOL R . 10.71 39.25 -0.06
O3 GOL R . 10.05 37.99 0.10
C1 GOL S . 10.00 30.66 10.23
O1 GOL S . 9.44 31.94 10.53
C2 GOL S . 11.43 30.57 10.80
O2 GOL S . 11.94 29.26 10.56
C3 GOL S . 12.34 31.60 10.15
O3 GOL S . 13.64 31.50 10.75
C1 GOL T . 15.07 29.19 13.27
O1 GOL T . 14.32 29.12 12.05
C2 GOL T . 16.41 28.50 13.06
O2 GOL T . 16.98 28.93 11.82
C3 GOL T . 17.35 28.86 14.21
O3 GOL T . 18.66 28.32 13.97
#